data_5K0N
#
_entry.id   5K0N
#
_cell.length_a   77.023
_cell.length_b   69.890
_cell.length_c   104.102
_cell.angle_alpha   90.000
_cell.angle_beta   94.090
_cell.angle_gamma   90.000
#
_symmetry.space_group_name_H-M   'P 1 21 1'
#
loop_
_entity.id
_entity.type
_entity.pdbx_description
1 polymer 'Catechol O-methyltransferase'
2 non-polymer 1,2-ETHANEDIOL
3 non-polymer 'MAGNESIUM ION'
4 non-polymer '2-[N-CYCLOHEXYLAMINO]ETHANE SULFONIC ACID'
5 non-polymer "5-[1-(4-methoxyphenyl)cyclopropyl]-1',3'-dimethyl-1'H,2H-3,4'-bipyrazole"
6 non-polymer 'POTASSIUM ION'
7 water water
#
_entity_poly.entity_id   1
_entity_poly.type   'polypeptide(L)'
_entity_poly.pdbx_seq_one_letter_code
;GDTKEQRILRYVQQNAKPGDPQSVLEAIDTYCTQKEWAMNVGDAKGQIMDAVIREYSPSLVLELGAYCGYSAVRMARLLQ
PGARLLTMEINPDCAAITQQMLNFAGLQDKVTILNGASQDLIPQLKKKYDVDTLDMVFLDHWKDRYLPDTLLLEKCGLLR
KGTVLLADNVIVPGTPDFLAYVRGSSSFECTHYSSYLEYMKVVDGLEKAIYQGPSSPDKS
;
_entity_poly.pdbx_strand_id   A,B,C,D
#
loop_
_chem_comp.id
_chem_comp.type
_chem_comp.name
_chem_comp.formula
6P0 non-polymer 5-[1-(4-methoxyphenyl)cyclopropyl]-1',3'-dimethyl-1'H,2H-3,4'-bipyrazole 'C18 H20 N4 O'
EDO non-polymer 1,2-ETHANEDIOL 'C2 H6 O2'
K non-polymer 'POTASSIUM ION' 'K 1'
MG non-polymer 'MAGNESIUM ION' 'Mg 2'
NHE non-polymer '2-[N-CYCLOHEXYLAMINO]ETHANE SULFONIC ACID' 'C8 H17 N O3 S'
#
# COMPACT_ATOMS: atom_id res chain seq x y z
N GLY A 1 -32.66 -7.03 2.81
CA GLY A 1 -31.54 -7.06 1.89
C GLY A 1 -30.25 -7.47 2.58
N ASP A 2 -29.54 -8.42 1.98
CA ASP A 2 -28.27 -8.92 2.54
C ASP A 2 -27.16 -7.86 2.46
N THR A 3 -26.32 -7.82 3.49
CA THR A 3 -25.19 -6.90 3.49
C THR A 3 -23.93 -7.66 3.88
N LYS A 4 -22.78 -7.07 3.55
CA LYS A 4 -21.50 -7.62 3.98
C LYS A 4 -21.45 -7.85 5.48
N GLU A 5 -21.95 -6.88 6.26
CA GLU A 5 -21.82 -6.97 7.70
C GLU A 5 -22.71 -8.12 8.24
N GLN A 6 -23.86 -8.31 7.63
CA GLN A 6 -24.72 -9.42 8.02
C GLN A 6 -24.04 -10.74 7.71
N ARG A 7 -23.35 -10.80 6.56
CA ARG A 7 -22.67 -12.02 6.16
C ARG A 7 -21.54 -12.34 7.14
N ILE A 8 -20.83 -11.32 7.60
CA ILE A 8 -19.76 -11.56 8.56
C ILE A 8 -20.30 -12.16 9.84
N LEU A 9 -21.36 -11.57 10.38
CA LEU A 9 -22.02 -12.10 11.55
C LEU A 9 -22.52 -13.54 11.33
N ARG A 10 -23.14 -13.80 10.18
CA ARG A 10 -23.68 -15.14 9.92
C ARG A 10 -22.57 -16.18 9.90
N TYR A 11 -21.45 -15.80 9.29
CA TYR A 11 -20.30 -16.68 9.20
C TYR A 11 -19.72 -16.99 10.59
N VAL A 12 -19.69 -15.99 11.47
CA VAL A 12 -19.26 -16.22 12.83
C VAL A 12 -20.23 -17.16 13.53
N GLN A 13 -21.52 -16.90 13.37
CA GLN A 13 -22.53 -17.68 14.07
C GLN A 13 -22.52 -19.11 13.60
N GLN A 14 -22.17 -19.32 12.34
CA GLN A 14 -22.13 -20.66 11.80
C GLN A 14 -20.86 -21.40 12.24
N ASN A 15 -19.73 -20.70 12.23
CA ASN A 15 -18.44 -21.39 12.31
C ASN A 15 -17.70 -21.27 13.64
N ALA A 16 -17.94 -20.18 14.37
CA ALA A 16 -17.27 -19.97 15.66
C ALA A 16 -18.10 -20.64 16.75
N LYS A 17 -17.62 -20.60 17.99
CA LYS A 17 -18.42 -21.20 19.04
C LYS A 17 -18.82 -20.13 20.06
N PRO A 18 -20.06 -20.22 20.55
CA PRO A 18 -20.57 -19.18 21.45
C PRO A 18 -19.75 -19.12 22.72
N GLY A 19 -19.44 -17.91 23.19
CA GLY A 19 -18.70 -17.75 24.42
C GLY A 19 -17.21 -17.98 24.26
N ASP A 20 -16.75 -18.06 23.02
CA ASP A 20 -15.33 -18.27 22.73
C ASP A 20 -14.81 -17.14 21.85
N PRO A 21 -14.37 -16.03 22.47
CA PRO A 21 -13.96 -14.84 21.70
C PRO A 21 -12.85 -15.16 20.70
N GLN A 22 -11.92 -16.05 21.06
CA GLN A 22 -10.85 -16.39 20.12
C GLN A 22 -11.41 -17.06 18.85
N SER A 23 -12.41 -17.92 18.98
CA SER A 23 -12.97 -18.56 17.79
C SER A 23 -13.68 -17.52 16.93
N VAL A 24 -14.26 -16.52 17.58
CA VAL A 24 -14.92 -15.44 16.85
C VAL A 24 -13.91 -14.61 16.06
N LEU A 25 -12.78 -14.27 16.67
CA LEU A 25 -11.79 -13.47 15.98
C LEU A 25 -11.27 -14.23 14.77
N GLU A 26 -11.02 -15.51 14.95
CA GLU A 26 -10.45 -16.32 13.88
C GLU A 26 -11.45 -16.52 12.75
N ALA A 27 -12.73 -16.58 13.07
CA ALA A 27 -13.74 -16.72 12.01
C ALA A 27 -13.83 -15.42 11.19
N ILE A 28 -13.79 -14.27 11.87
CA ILE A 28 -13.89 -13.00 11.16
C ILE A 28 -12.68 -12.84 10.24
N ASP A 29 -11.49 -13.13 10.75
CA ASP A 29 -10.27 -12.93 9.98
C ASP A 29 -10.20 -13.89 8.80
N THR A 30 -10.69 -15.11 8.98
CA THR A 30 -10.73 -16.08 7.88
C THR A 30 -11.67 -15.60 6.81
N TYR A 31 -12.84 -15.16 7.22
CA TYR A 31 -13.83 -14.67 6.29
C TYR A 31 -13.32 -13.47 5.50
N CYS A 32 -12.65 -12.55 6.19
CA CYS A 32 -12.22 -11.33 5.53
C CYS A 32 -10.94 -11.55 4.72
N THR A 33 -10.27 -12.66 4.98
CA THR A 33 -9.07 -13.06 4.25
C THR A 33 -9.41 -13.89 3.01
N GLN A 34 -10.53 -14.59 3.07
CA GLN A 34 -10.84 -15.55 2.02
C GLN A 34 -12.12 -15.28 1.25
N LYS A 35 -13.07 -14.58 1.84
CA LYS A 35 -14.36 -14.36 1.20
C LYS A 35 -14.55 -12.93 0.73
N GLU A 36 -14.55 -11.97 1.66
CA GLU A 36 -14.61 -10.57 1.25
C GLU A 36 -13.97 -9.67 2.28
N TRP A 37 -13.27 -8.67 1.76
CA TRP A 37 -12.54 -7.71 2.59
C TRP A 37 -13.53 -6.92 3.43
N ALA A 38 -13.10 -6.52 4.63
CA ALA A 38 -13.92 -5.65 5.46
C ALA A 38 -13.05 -4.72 6.29
N MET A 39 -13.60 -3.56 6.62
CA MET A 39 -12.93 -2.60 7.49
C MET A 39 -12.62 -3.17 8.87
N ASN A 40 -11.66 -2.55 9.55
CA ASN A 40 -11.46 -2.68 10.99
C ASN A 40 -11.32 -4.12 11.52
N VAL A 41 -10.65 -4.97 10.73
CA VAL A 41 -10.27 -6.30 11.19
C VAL A 41 -8.77 -6.48 10.96
N GLY A 42 -8.23 -7.63 11.35
CA GLY A 42 -6.83 -7.92 11.13
C GLY A 42 -6.17 -8.43 12.39
N ASP A 43 -5.64 -9.65 12.31
CA ASP A 43 -4.96 -10.25 13.45
C ASP A 43 -3.60 -9.61 13.73
N ALA A 44 -2.95 -9.12 12.68
CA ALA A 44 -1.64 -8.48 12.82
C ALA A 44 -1.78 -7.20 13.64
N LYS A 45 -2.70 -6.33 13.21
CA LYS A 45 -3.09 -5.17 14.00
C LYS A 45 -3.54 -5.60 15.39
N GLY A 46 -4.32 -6.68 15.44
CA GLY A 46 -4.86 -7.17 16.69
C GLY A 46 -3.81 -7.58 17.71
N GLN A 47 -2.68 -8.07 17.21
CA GLN A 47 -1.52 -8.42 18.04
C GLN A 47 -1.04 -7.22 18.82
N ILE A 48 -0.99 -6.09 18.13
CA ILE A 48 -0.53 -4.85 18.73
C ILE A 48 -1.55 -4.36 19.76
N MET A 49 -2.84 -4.44 19.41
CA MET A 49 -3.92 -4.12 20.34
C MET A 49 -3.87 -4.96 21.63
N ASP A 50 -3.70 -6.26 21.46
CA ASP A 50 -3.56 -7.19 22.59
C ASP A 50 -2.43 -6.75 23.53
N ALA A 51 -1.29 -6.42 22.94
CA ALA A 51 -0.13 -6.04 23.73
C ALA A 51 -0.39 -4.76 24.54
N VAL A 52 -1.11 -3.81 23.96
CA VAL A 52 -1.42 -2.58 24.69
C VAL A 52 -2.38 -2.84 25.84
N ILE A 53 -3.47 -3.56 25.57
CA ILE A 53 -4.39 -3.94 26.65
C ILE A 53 -3.65 -4.68 27.76
N ARG A 54 -2.81 -5.65 27.35
CA ARG A 54 -2.07 -6.47 28.30
C ARG A 54 -1.13 -5.61 29.16
N GLU A 55 -0.41 -4.69 28.53
CA GLU A 55 0.54 -3.85 29.25
C GLU A 55 -0.12 -2.86 30.22
N TYR A 56 -1.16 -2.18 29.77
CA TYR A 56 -1.74 -1.10 30.57
C TYR A 56 -2.94 -1.52 31.43
N SER A 57 -3.46 -2.71 31.18
CA SER A 57 -4.59 -3.23 31.92
C SER A 57 -5.65 -2.17 32.18
N PRO A 58 -6.19 -1.56 31.11
CA PRO A 58 -7.14 -0.47 31.33
C PRO A 58 -8.40 -0.99 32.00
N SER A 59 -9.01 -0.19 32.88
CA SER A 59 -10.27 -0.59 33.49
C SER A 59 -11.45 0.03 32.76
N LEU A 60 -11.18 1.14 32.07
CA LEU A 60 -12.22 1.82 31.31
C LEU A 60 -11.70 2.16 29.92
N VAL A 61 -12.29 1.52 28.91
CA VAL A 61 -11.84 1.71 27.54
C VAL A 61 -12.96 2.32 26.69
N LEU A 62 -12.59 3.33 25.91
CA LEU A 62 -13.50 3.88 24.91
C LEU A 62 -13.02 3.54 23.51
N GLU A 63 -13.90 2.93 22.72
CA GLU A 63 -13.62 2.64 21.31
C GLU A 63 -14.48 3.55 20.43
N LEU A 64 -13.86 4.21 19.45
CA LEU A 64 -14.59 4.99 18.46
C LEU A 64 -14.60 4.25 17.14
N GLY A 65 -15.78 3.79 16.71
CA GLY A 65 -15.95 3.16 15.41
C GLY A 65 -15.94 1.62 15.49
N ALA A 66 -16.96 1.07 16.13
CA ALA A 66 -17.00 -0.37 16.39
C ALA A 66 -17.14 -1.23 15.13
N TYR A 67 -17.82 -0.69 14.12
CA TYR A 67 -18.14 -1.39 12.87
C TYR A 67 -18.90 -2.72 13.12
N CYS A 68 -18.23 -3.86 12.99
CA CYS A 68 -18.91 -5.16 13.23
C CYS A 68 -18.59 -5.78 14.57
N GLY A 69 -17.67 -5.17 15.30
CA GLY A 69 -17.40 -5.62 16.65
C GLY A 69 -16.08 -6.35 16.77
N TYR A 70 -15.33 -6.44 15.68
CA TYR A 70 -14.07 -7.19 15.74
C TYR A 70 -13.14 -6.67 16.85
N SER A 71 -12.91 -5.36 16.85
CA SER A 71 -12.01 -4.75 17.82
C SER A 71 -12.58 -4.76 19.22
N ALA A 72 -13.90 -4.60 19.33
CA ALA A 72 -14.54 -4.68 20.63
C ALA A 72 -14.39 -6.08 21.23
N VAL A 73 -14.57 -7.11 20.41
CA VAL A 73 -14.37 -8.49 20.84
C VAL A 73 -12.90 -8.70 21.21
N ARG A 74 -12.01 -8.22 20.35
CA ARG A 74 -10.56 -8.32 20.58
C ARG A 74 -10.15 -7.73 21.94
N MET A 75 -10.65 -6.54 22.25
CA MET A 75 -10.27 -5.85 23.47
C MET A 75 -10.98 -6.38 24.71
N ALA A 76 -12.30 -6.56 24.60
CA ALA A 76 -13.09 -6.95 25.77
C ALA A 76 -12.70 -8.33 26.28
N ARG A 77 -12.17 -9.17 25.41
CA ARG A 77 -11.82 -10.52 25.83
C ARG A 77 -10.63 -10.49 26.79
N LEU A 78 -9.82 -9.43 26.69
CA LEU A 78 -8.64 -9.32 27.54
C LEU A 78 -8.89 -8.48 28.78
N LEU A 79 -10.11 -7.95 28.93
CA LEU A 79 -10.40 -7.10 30.08
C LEU A 79 -10.65 -7.92 31.34
N GLN A 80 -10.09 -7.45 32.46
CA GLN A 80 -10.35 -7.99 33.78
C GLN A 80 -11.81 -7.86 34.16
N PRO A 81 -12.28 -8.70 35.10
CA PRO A 81 -13.67 -8.55 35.55
C PRO A 81 -13.89 -7.16 36.16
N GLY A 82 -15.06 -6.59 35.96
CA GLY A 82 -15.31 -5.23 36.43
C GLY A 82 -14.81 -4.14 35.50
N ALA A 83 -13.87 -4.47 34.62
CA ALA A 83 -13.45 -3.53 33.58
C ALA A 83 -14.61 -3.38 32.59
N ARG A 84 -14.61 -2.29 31.84
CA ARG A 84 -15.70 -2.08 30.89
C ARG A 84 -15.22 -1.40 29.63
N LEU A 85 -15.88 -1.75 28.53
CA LEU A 85 -15.63 -1.12 27.25
C LEU A 85 -16.88 -0.36 26.82
N LEU A 86 -16.69 0.91 26.47
CA LEU A 86 -17.74 1.68 25.84
C LEU A 86 -17.35 1.82 24.39
N THR A 87 -18.22 1.44 23.47
CA THR A 87 -17.86 1.58 22.08
C THR A 87 -18.93 2.34 21.32
N MET A 88 -18.49 3.20 20.43
CA MET A 88 -19.37 4.07 19.66
C MET A 88 -19.39 3.67 18.20
N GLU A 89 -20.60 3.63 17.65
CA GLU A 89 -20.83 3.23 16.28
C GLU A 89 -21.91 4.14 15.71
N ILE A 90 -21.57 4.86 14.66
CA ILE A 90 -22.50 5.86 14.16
C ILE A 90 -23.63 5.25 13.32
N ASN A 91 -23.39 4.10 12.70
CA ASN A 91 -24.44 3.48 11.88
C ASN A 91 -25.28 2.49 12.70
N PRO A 92 -26.61 2.68 12.74
CA PRO A 92 -27.45 1.87 13.61
C PRO A 92 -27.44 0.38 13.29
N ASP A 93 -27.33 0.04 12.01
CA ASP A 93 -27.33 -1.37 11.62
C ASP A 93 -26.02 -1.99 12.04
N CYS A 94 -24.93 -1.26 11.86
CA CYS A 94 -23.64 -1.73 12.36
C CYS A 94 -23.64 -1.83 13.89
N ALA A 95 -24.30 -0.90 14.56
CA ALA A 95 -24.37 -1.01 16.03
C ALA A 95 -25.06 -2.32 16.41
N ALA A 96 -26.14 -2.66 15.70
CA ALA A 96 -26.91 -3.87 15.99
C ALA A 96 -26.07 -5.13 15.76
N ILE A 97 -25.33 -5.15 14.67
CA ILE A 97 -24.39 -6.24 14.38
CA ILE A 97 -24.44 -6.28 14.43
C ILE A 97 -23.35 -6.41 15.48
N THR A 98 -22.72 -5.30 15.86
CA THR A 98 -21.73 -5.32 16.92
C THR A 98 -22.29 -5.90 18.21
N GLN A 99 -23.53 -5.54 18.54
CA GLN A 99 -24.14 -6.03 19.76
CA GLN A 99 -24.18 -6.02 19.74
C GLN A 99 -24.35 -7.54 19.73
N GLN A 100 -24.78 -8.07 18.58
CA GLN A 100 -25.03 -9.52 18.50
C GLN A 100 -23.72 -10.28 18.46
N MET A 101 -22.72 -9.70 17.80
CA MET A 101 -21.37 -10.27 17.76
C MET A 101 -20.82 -10.43 19.18
N LEU A 102 -20.98 -9.38 19.98
CA LEU A 102 -20.46 -9.38 21.34
C LEU A 102 -21.25 -10.34 22.22
N ASN A 103 -22.56 -10.36 22.01
CA ASN A 103 -23.47 -11.31 22.65
C ASN A 103 -23.03 -12.75 22.35
N PHE A 104 -22.89 -13.05 21.06
CA PHE A 104 -22.41 -14.37 20.65
C PHE A 104 -21.09 -14.74 21.33
N ALA A 105 -20.16 -13.79 21.39
CA ALA A 105 -18.84 -14.02 21.99
C ALA A 105 -18.90 -14.15 23.51
N GLY A 106 -20.04 -13.81 24.10
CA GLY A 106 -20.18 -13.91 25.55
C GLY A 106 -19.58 -12.74 26.31
N LEU A 107 -19.44 -11.60 25.64
CA LEU A 107 -18.81 -10.43 26.23
C LEU A 107 -19.81 -9.28 26.45
N GLN A 108 -21.09 -9.57 26.29
CA GLN A 108 -22.13 -8.52 26.33
C GLN A 108 -22.17 -7.77 27.67
N ASP A 109 -21.74 -8.42 28.75
CA ASP A 109 -21.76 -7.78 30.07
C ASP A 109 -20.58 -6.85 30.31
N LYS A 110 -19.57 -6.94 29.44
CA LYS A 110 -18.38 -6.09 29.54
C LYS A 110 -18.50 -4.82 28.69
N VAL A 111 -19.38 -4.85 27.69
CA VAL A 111 -19.41 -3.79 26.70
C VAL A 111 -20.72 -3.05 26.69
N THR A 112 -20.64 -1.73 26.56
CA THR A 112 -21.79 -0.88 26.30
C THR A 112 -21.68 -0.31 24.89
N ILE A 113 -22.71 -0.50 24.07
CA ILE A 113 -22.66 0.04 22.72
C ILE A 113 -23.49 1.31 22.59
N LEU A 114 -22.83 2.37 22.12
CA LEU A 114 -23.49 3.65 21.95
C LEU A 114 -23.64 3.94 20.46
N ASN A 115 -24.88 4.16 20.02
CA ASN A 115 -25.13 4.44 18.61
C ASN A 115 -25.31 5.94 18.40
N GLY A 116 -24.28 6.56 17.84
CA GLY A 116 -24.31 7.98 17.56
C GLY A 116 -22.97 8.47 17.08
N ALA A 117 -22.91 9.76 16.79
CA ALA A 117 -21.67 10.38 16.37
C ALA A 117 -20.78 10.66 17.60
N SER A 118 -19.48 10.43 17.45
CA SER A 118 -18.51 10.68 18.52
C SER A 118 -18.61 12.08 19.15
N GLN A 119 -18.72 13.11 18.32
CA GLN A 119 -18.72 14.46 18.88
C GLN A 119 -20.01 14.74 19.67
N ASP A 120 -21.06 13.96 19.41
CA ASP A 120 -22.30 14.09 20.17
C ASP A 120 -22.27 13.29 21.47
N LEU A 121 -21.61 12.14 21.45
CA LEU A 121 -21.68 11.19 22.56
C LEU A 121 -20.57 11.45 23.59
N ILE A 122 -19.38 11.81 23.10
CA ILE A 122 -18.25 12.04 23.98
C ILE A 122 -18.58 13.03 25.12
N PRO A 123 -19.25 14.16 24.83
CA PRO A 123 -19.50 15.01 26.01
C PRO A 123 -20.62 14.52 26.93
N GLN A 124 -21.26 13.40 26.61
CA GLN A 124 -22.27 12.84 27.50
C GLN A 124 -21.72 11.74 28.40
N LEU A 125 -20.49 11.32 28.17
CA LEU A 125 -19.92 10.20 28.91
C LEU A 125 -19.92 10.41 30.43
N LYS A 126 -19.56 11.62 30.88
CA LYS A 126 -19.52 11.87 32.33
C LYS A 126 -20.92 11.80 32.93
N LYS A 127 -21.86 12.55 32.35
CA LYS A 127 -23.20 12.64 32.91
C LYS A 127 -24.00 11.36 32.73
N LYS A 128 -23.99 10.81 31.52
CA LYS A 128 -24.85 9.66 31.20
C LYS A 128 -24.28 8.30 31.57
N TYR A 129 -22.97 8.13 31.45
CA TYR A 129 -22.41 6.79 31.56
C TYR A 129 -21.43 6.69 32.70
N ASP A 130 -21.57 7.63 33.64
CA ASP A 130 -20.82 7.64 34.88
CA ASP A 130 -20.81 7.64 34.88
C ASP A 130 -19.31 7.43 34.67
N VAL A 131 -18.74 8.19 33.74
CA VAL A 131 -17.32 8.10 33.49
C VAL A 131 -16.62 9.20 34.29
N ASP A 132 -15.51 8.87 34.94
CA ASP A 132 -14.63 9.90 35.46
C ASP A 132 -13.62 10.23 34.37
N THR A 133 -12.59 9.40 34.24
CA THR A 133 -11.63 9.54 33.16
C THR A 133 -11.43 8.21 32.45
N LEU A 134 -10.95 8.27 31.21
CA LEU A 134 -10.72 7.05 30.44
C LEU A 134 -9.30 6.56 30.63
N ASP A 135 -9.13 5.24 30.75
CA ASP A 135 -7.80 4.66 30.82
C ASP A 135 -7.22 4.47 29.42
N MET A 136 -8.09 4.20 28.46
CA MET A 136 -7.63 3.95 27.10
C MET A 136 -8.68 4.35 26.09
N VAL A 137 -8.21 4.84 24.96
CA VAL A 137 -9.06 5.19 23.84
C VAL A 137 -8.49 4.54 22.59
N PHE A 138 -9.34 3.80 21.88
CA PHE A 138 -8.98 3.24 20.59
C PHE A 138 -9.74 3.99 19.50
N LEU A 139 -8.99 4.59 18.58
CA LEU A 139 -9.58 5.38 17.51
C LEU A 139 -9.54 4.61 16.20
N ASP A 140 -10.71 4.31 15.65
CA ASP A 140 -10.77 3.58 14.37
C ASP A 140 -12.03 3.96 13.58
N HIS A 141 -12.45 5.21 13.72
CA HIS A 141 -13.66 5.68 13.06
C HIS A 141 -13.26 6.58 11.88
N TRP A 142 -14.00 7.66 11.63
CA TRP A 142 -13.65 8.54 10.51
C TRP A 142 -12.30 9.21 10.77
N LYS A 143 -11.40 9.09 9.81
CA LYS A 143 -10.01 9.53 10.02
C LYS A 143 -9.91 11.04 10.27
N ASP A 144 -10.76 11.84 9.64
CA ASP A 144 -10.66 13.29 9.85
C ASP A 144 -11.18 13.67 11.22
N ARG A 145 -11.69 12.70 11.96
CA ARG A 145 -12.19 12.99 13.30
C ARG A 145 -11.21 12.65 14.42
N TYR A 146 -10.10 11.98 14.08
CA TYR A 146 -9.14 11.59 15.13
C TYR A 146 -8.66 12.80 15.92
N LEU A 147 -8.21 13.85 15.23
CA LEU A 147 -7.68 15.04 15.90
C LEU A 147 -8.76 15.80 16.69
N PRO A 148 -9.89 16.18 16.03
CA PRO A 148 -10.94 16.89 16.77
C PRO A 148 -11.48 16.12 17.98
N ASP A 149 -11.73 14.82 17.82
CA ASP A 149 -12.27 14.02 18.93
C ASP A 149 -11.24 13.87 20.06
N THR A 150 -9.97 13.83 19.72
CA THR A 150 -8.92 13.86 20.73
C THR A 150 -8.89 15.18 21.52
N LEU A 151 -8.99 16.31 20.80
CA LEU A 151 -9.03 17.60 21.47
C LEU A 151 -10.32 17.70 22.29
N LEU A 152 -11.39 17.11 21.76
CA LEU A 152 -12.68 17.10 22.45
C LEU A 152 -12.63 16.28 23.75
N LEU A 153 -12.01 15.10 23.67
CA LEU A 153 -11.78 14.27 24.85
C LEU A 153 -11.01 15.06 25.91
N GLU A 154 -10.01 15.81 25.48
CA GLU A 154 -9.20 16.57 26.42
C GLU A 154 -10.02 17.67 27.09
N LYS A 155 -10.67 18.46 26.24
CA LYS A 155 -11.65 19.46 26.61
C LYS A 155 -12.64 18.98 27.69
N CYS A 156 -13.17 17.79 27.46
CA CYS A 156 -14.24 17.29 28.30
C CYS A 156 -13.72 16.69 29.59
N GLY A 157 -12.40 16.69 29.77
CA GLY A 157 -11.81 16.20 31.01
C GLY A 157 -11.80 14.69 31.09
N LEU A 158 -11.83 14.01 29.95
CA LEU A 158 -11.90 12.56 29.94
C LEU A 158 -10.53 11.92 29.92
N LEU A 159 -9.50 12.73 29.68
CA LEU A 159 -8.12 12.23 29.63
C LEU A 159 -7.42 12.51 30.97
N ARG A 160 -6.60 11.56 31.42
CA ARG A 160 -5.77 11.73 32.60
C ARG A 160 -4.33 11.45 32.22
N LYS A 161 -3.40 11.89 33.06
CA LYS A 161 -2.01 11.56 32.85
C LYS A 161 -1.85 10.04 32.80
N GLY A 162 -1.30 9.52 31.71
CA GLY A 162 -1.18 8.08 31.55
C GLY A 162 -2.26 7.39 30.71
N THR A 163 -3.32 8.11 30.36
CA THR A 163 -4.32 7.58 29.43
C THR A 163 -3.68 7.19 28.10
N VAL A 164 -3.97 5.99 27.63
CA VAL A 164 -3.40 5.50 26.39
C VAL A 164 -4.34 5.75 25.21
N LEU A 165 -3.92 6.54 24.22
CA LEU A 165 -4.66 6.56 22.96
C LEU A 165 -3.98 5.63 21.99
N LEU A 166 -4.76 4.80 21.31
CA LEU A 166 -4.25 3.95 20.28
C LEU A 166 -5.06 4.23 19.02
N ALA A 167 -4.39 4.64 17.95
CA ALA A 167 -5.07 5.05 16.72
C ALA A 167 -4.68 4.18 15.52
N ASP A 168 -5.66 3.60 14.85
CA ASP A 168 -5.40 2.73 13.68
C ASP A 168 -5.43 3.53 12.37
N ASN A 169 -4.80 2.98 11.33
CA ASN A 169 -4.84 3.54 9.99
C ASN A 169 -4.20 4.92 9.90
N VAL A 170 -3.21 5.19 10.73
CA VAL A 170 -2.56 6.51 10.70
C VAL A 170 -1.63 6.65 9.50
N ILE A 171 -1.40 5.57 8.76
CA ILE A 171 -0.59 5.65 7.55
C ILE A 171 -1.42 5.46 6.27
N VAL A 172 -2.20 4.39 6.23
CA VAL A 172 -3.15 4.16 5.15
C VAL A 172 -4.55 4.01 5.71
N PRO A 173 -5.47 4.87 5.29
CA PRO A 173 -5.28 5.97 4.34
C PRO A 173 -4.58 7.17 4.96
N GLY A 174 -4.30 7.12 6.25
CA GLY A 174 -3.49 8.13 6.92
C GLY A 174 -4.27 9.15 7.72
N THR A 175 -3.67 9.63 8.80
CA THR A 175 -4.24 10.71 9.60
C THR A 175 -3.17 11.76 9.88
N PRO A 176 -2.76 12.49 8.83
CA PRO A 176 -1.60 13.38 8.97
C PRO A 176 -1.79 14.50 10.02
N ASP A 177 -2.94 15.17 10.05
CA ASP A 177 -3.15 16.22 11.06
C ASP A 177 -3.01 15.65 12.47
N PHE A 178 -3.64 14.49 12.72
CA PHE A 178 -3.57 13.85 14.03
C PHE A 178 -2.13 13.53 14.46
N LEU A 179 -1.38 12.91 13.56
CA LEU A 179 -0.01 12.51 13.87
C LEU A 179 0.86 13.74 14.19
N ALA A 180 0.81 14.75 13.33
CA ALA A 180 1.59 15.96 13.56
C ALA A 180 1.27 16.55 14.92
N TYR A 181 -0.01 16.57 15.27
CA TYR A 181 -0.40 17.15 16.53
C TYR A 181 0.13 16.35 17.71
N VAL A 182 -0.13 15.03 17.77
CA VAL A 182 0.20 14.32 19.00
C VAL A 182 1.71 14.15 19.13
N ARG A 183 2.39 14.00 17.99
CA ARG A 183 3.85 13.91 18.02
C ARG A 183 4.49 15.25 18.34
N GLY A 184 3.92 16.33 17.80
CA GLY A 184 4.45 17.66 18.04
C GLY A 184 4.12 18.23 19.40
N SER A 185 3.12 17.68 20.07
CA SER A 185 2.69 18.23 21.36
C SER A 185 3.36 17.54 22.55
N SER A 186 3.73 18.31 23.56
CA SER A 186 4.35 17.74 24.77
C SER A 186 3.30 17.02 25.64
N SER A 187 2.03 17.19 25.30
CA SER A 187 0.96 16.48 26.02
C SER A 187 0.84 14.99 25.65
N PHE A 188 1.54 14.56 24.60
CA PHE A 188 1.46 13.16 24.16
C PHE A 188 2.83 12.54 23.90
N GLU A 189 3.12 11.44 24.58
CA GLU A 189 4.31 10.66 24.30
C GLU A 189 3.95 9.55 23.32
N CYS A 190 4.55 9.57 22.13
CA CYS A 190 4.09 8.75 21.01
C CYS A 190 5.02 7.64 20.56
N THR A 191 4.45 6.46 20.35
CA THR A 191 5.15 5.32 19.79
C THR A 191 4.41 4.84 18.54
N HIS A 192 5.13 4.62 17.45
CA HIS A 192 4.50 4.11 16.25
C HIS A 192 4.70 2.61 16.14
N TYR A 193 3.63 1.92 15.75
CA TYR A 193 3.68 0.47 15.53
C TYR A 193 3.34 0.14 14.10
N SER A 194 4.35 -0.16 13.28
CA SER A 194 4.07 -0.52 11.92
C SER A 194 3.39 -1.87 11.86
N SER A 195 2.57 -2.06 10.83
CA SER A 195 1.93 -3.35 10.62
C SER A 195 1.62 -3.50 9.15
N TYR A 196 2.14 -4.59 8.59
CA TYR A 196 2.07 -4.88 7.17
C TYR A 196 0.70 -5.36 6.75
N LEU A 197 0.10 -4.69 5.77
CA LEU A 197 -1.17 -5.14 5.21
C LEU A 197 -0.88 -6.16 4.09
N GLU A 198 -1.06 -7.43 4.40
CA GLU A 198 -0.51 -8.54 3.62
C GLU A 198 -0.87 -8.58 2.12
N TYR A 199 -2.12 -8.33 1.78
CA TYR A 199 -2.56 -8.54 0.39
C TYR A 199 -2.64 -7.25 -0.42
N MET A 200 -2.60 -6.10 0.26
CA MET A 200 -2.41 -4.85 -0.44
C MET A 200 -0.92 -4.56 -0.54
N LYS A 201 -0.14 -5.36 0.19
CA LYS A 201 1.32 -5.31 0.14
C LYS A 201 1.81 -3.92 0.50
N VAL A 202 1.22 -3.33 1.54
CA VAL A 202 1.60 -1.98 1.94
C VAL A 202 1.67 -1.88 3.47
N VAL A 203 2.56 -1.02 3.94
CA VAL A 203 2.71 -0.81 5.36
C VAL A 203 1.65 0.19 5.84
N ASP A 204 0.92 -0.19 6.89
CA ASP A 204 0.09 0.73 7.64
C ASP A 204 0.73 0.83 9.03
N GLY A 205 0.04 1.47 9.97
CA GLY A 205 0.55 1.52 11.32
C GLY A 205 -0.48 2.00 12.32
N LEU A 206 -0.24 1.67 13.58
CA LEU A 206 -0.98 2.28 14.67
C LEU A 206 -0.10 3.29 15.36
N GLU A 207 -0.71 4.31 15.95
CA GLU A 207 0.02 5.23 16.80
C GLU A 207 -0.49 5.10 18.21
N LYS A 208 0.44 4.86 19.14
CA LYS A 208 0.12 4.91 20.56
C LYS A 208 0.51 6.30 21.06
N ALA A 209 -0.42 6.96 21.74
CA ALA A 209 -0.16 8.29 22.27
C ALA A 209 -0.55 8.30 23.72
N ILE A 210 0.43 8.44 24.61
CA ILE A 210 0.16 8.48 26.05
C ILE A 210 0.02 9.93 26.49
N TYR A 211 -1.15 10.25 27.05
CA TYR A 211 -1.40 11.58 27.54
C TYR A 211 -0.51 11.92 28.73
N GLN A 212 0.07 13.12 28.70
CA GLN A 212 1.01 13.54 29.72
C GLN A 212 0.42 14.62 30.62
N GLY A 213 -0.84 15.00 30.37
CA GLY A 213 -1.43 16.14 31.05
C GLY A 213 -1.41 17.32 30.11
N PRO A 214 -2.23 18.35 30.39
CA PRO A 214 -2.40 19.48 29.47
C PRO A 214 -1.20 20.42 29.43
N SER A 215 -1.06 21.16 28.33
CA SER A 215 0.00 22.17 28.21
C SER A 215 -0.15 23.29 29.25
N SER A 216 0.92 23.57 29.99
CA SER A 216 0.91 24.59 31.05
C SER A 216 0.97 26.00 30.49
N PRO A 217 0.25 26.95 31.14
CA PRO A 217 0.29 28.37 30.75
C PRO A 217 1.68 28.98 30.96
N ASP A 218 1.99 30.03 30.20
CA ASP A 218 3.23 30.81 30.39
C ASP A 218 3.43 31.28 31.83
N LYS A 219 4.66 31.15 32.34
CA LYS A 219 5.00 31.60 33.68
C LYS A 219 6.06 32.72 33.67
N SER A 220 6.00 33.55 34.71
CA SER A 220 7.09 34.43 35.18
C SER A 220 6.52 35.48 36.14
N GLY B 1 25.98 -34.91 23.83
CA GLY B 1 26.37 -33.52 23.67
C GLY B 1 25.30 -32.69 22.98
N ASP B 2 24.04 -32.91 23.35
CA ASP B 2 22.89 -32.23 22.76
C ASP B 2 22.61 -30.85 23.37
N THR B 3 22.54 -29.81 22.54
CA THR B 3 22.37 -28.46 23.06
C THR B 3 21.00 -27.89 22.67
N LYS B 4 20.56 -26.88 23.40
CA LYS B 4 19.34 -26.15 23.02
C LYS B 4 19.38 -25.67 21.55
N GLU B 5 20.53 -25.18 21.11
CA GLU B 5 20.64 -24.62 19.77
C GLU B 5 20.51 -25.70 18.70
N GLN B 6 21.04 -26.88 18.98
CA GLN B 6 20.86 -28.04 18.09
C GLN B 6 19.41 -28.46 18.06
N ARG B 7 18.75 -28.39 19.22
CA ARG B 7 17.33 -28.75 19.29
C ARG B 7 16.47 -27.79 18.49
N ILE B 8 16.80 -26.49 18.54
CA ILE B 8 16.04 -25.51 17.76
C ILE B 8 16.18 -25.81 16.26
N LEU B 9 17.41 -26.02 15.81
CA LEU B 9 17.64 -26.36 14.41
C LEU B 9 16.93 -27.65 13.99
N ARG B 10 17.00 -28.70 14.83
CA ARG B 10 16.35 -29.97 14.49
C ARG B 10 14.84 -29.81 14.43
N TYR B 11 14.29 -29.00 15.32
CA TYR B 11 12.86 -28.74 15.31
C TYR B 11 12.45 -28.06 14.00
N VAL B 12 13.27 -27.12 13.54
CA VAL B 12 13.01 -26.42 12.27
C VAL B 12 13.08 -27.40 11.11
N GLN B 13 14.17 -28.15 11.06
CA GLN B 13 14.39 -29.11 9.97
C GLN B 13 13.30 -30.17 9.92
N GLN B 14 12.75 -30.49 11.08
CA GLN B 14 11.64 -31.43 11.14
C GLN B 14 10.31 -30.81 10.71
N ASN B 15 10.05 -29.58 11.15
CA ASN B 15 8.70 -29.03 11.06
C ASN B 15 8.49 -27.93 10.03
N ALA B 16 9.55 -27.21 9.68
CA ALA B 16 9.44 -26.19 8.63
C ALA B 16 9.60 -26.79 7.23
N LYS B 17 9.55 -25.93 6.21
CA LYS B 17 9.70 -26.37 4.84
C LYS B 17 10.97 -25.74 4.30
N PRO B 18 11.84 -26.54 3.67
CA PRO B 18 13.10 -25.98 3.16
C PRO B 18 12.80 -24.92 2.10
N GLY B 19 13.58 -23.85 2.07
CA GLY B 19 13.34 -22.77 1.12
C GLY B 19 12.16 -21.88 1.48
N ASP B 20 11.58 -22.07 2.67
CA ASP B 20 10.44 -21.27 3.10
C ASP B 20 10.77 -20.55 4.41
N PRO B 21 11.35 -19.34 4.31
CA PRO B 21 11.80 -18.60 5.49
C PRO B 21 10.67 -18.33 6.48
N GLN B 22 9.46 -18.11 5.97
CA GLN B 22 8.34 -17.83 6.87
C GLN B 22 8.06 -19.05 7.76
N SER B 23 8.06 -20.26 7.18
CA SER B 23 7.85 -21.48 7.96
C SER B 23 8.98 -21.72 8.97
N VAL B 24 10.19 -21.26 8.64
CA VAL B 24 11.31 -21.35 9.59
C VAL B 24 11.09 -20.41 10.79
N LEU B 25 10.73 -19.17 10.52
CA LEU B 25 10.46 -18.21 11.58
C LEU B 25 9.35 -18.75 12.50
N GLU B 26 8.29 -19.28 11.89
CA GLU B 26 7.16 -19.74 12.69
C GLU B 26 7.56 -20.94 13.53
N ALA B 27 8.38 -21.83 12.98
CA ALA B 27 8.82 -23.01 13.72
C ALA B 27 9.68 -22.63 14.93
N ILE B 28 10.58 -21.66 14.74
CA ILE B 28 11.43 -21.21 15.82
C ILE B 28 10.59 -20.55 16.90
N ASP B 29 9.66 -19.69 16.49
CA ASP B 29 8.86 -18.97 17.47
C ASP B 29 7.93 -19.91 18.25
N THR B 30 7.44 -20.95 17.58
CA THR B 30 6.64 -21.98 18.25
C THR B 30 7.48 -22.72 19.28
N TYR B 31 8.64 -23.19 18.84
CA TYR B 31 9.55 -23.89 19.72
C TYR B 31 9.90 -23.07 20.95
N CYS B 32 10.22 -21.80 20.77
CA CYS B 32 10.71 -20.98 21.86
C CYS B 32 9.58 -20.45 22.74
N THR B 33 8.36 -20.66 22.26
CA THR B 33 7.18 -20.28 23.02
C THR B 33 6.67 -21.47 23.84
N GLN B 34 6.72 -22.66 23.23
CA GLN B 34 6.12 -23.85 23.83
C GLN B 34 7.09 -24.84 24.44
N LYS B 35 8.34 -24.87 23.97
CA LYS B 35 9.29 -25.88 24.42
C LYS B 35 10.40 -25.34 25.33
N GLU B 36 11.21 -24.42 24.84
CA GLU B 36 12.19 -23.78 25.72
C GLU B 36 12.55 -22.40 25.20
N TRP B 37 12.72 -21.48 26.13
CA TRP B 37 13.07 -20.11 25.78
C TRP B 37 14.46 -20.10 25.16
N ALA B 38 14.68 -19.16 24.26
CA ALA B 38 16.01 -18.94 23.69
C ALA B 38 16.15 -17.46 23.46
N MET B 39 17.37 -16.95 23.54
CA MET B 39 17.60 -15.55 23.23
C MET B 39 17.49 -15.27 21.73
N ASN B 40 17.32 -13.98 21.40
CA ASN B 40 17.38 -13.51 20.02
C ASN B 40 16.35 -14.16 19.10
N VAL B 41 15.18 -14.46 19.66
CA VAL B 41 14.03 -14.94 18.87
C VAL B 41 12.79 -14.17 19.32
N GLY B 42 11.79 -14.06 18.46
CA GLY B 42 10.57 -13.36 18.83
C GLY B 42 9.87 -12.65 17.67
N ASP B 43 8.59 -12.96 17.47
CA ASP B 43 7.87 -12.39 16.33
C ASP B 43 7.38 -10.97 16.58
N ALA B 44 7.10 -10.61 17.82
CA ALA B 44 6.64 -9.25 18.13
C ALA B 44 7.66 -8.21 17.64
N LYS B 45 8.89 -8.33 18.13
CA LYS B 45 9.96 -7.47 17.64
C LYS B 45 10.23 -7.73 16.16
N GLY B 46 9.80 -8.89 15.68
CA GLY B 46 9.95 -9.27 14.29
C GLY B 46 9.21 -8.36 13.34
N GLN B 47 7.99 -7.96 13.73
CA GLN B 47 7.22 -6.96 12.99
C GLN B 47 8.00 -5.63 12.90
N ILE B 48 8.59 -5.19 14.02
CA ILE B 48 9.34 -3.94 14.03
C ILE B 48 10.56 -4.06 13.11
N MET B 49 11.29 -5.16 13.22
CA MET B 49 12.40 -5.45 12.31
C MET B 49 11.97 -5.44 10.85
N ASP B 50 10.86 -6.12 10.54
CA ASP B 50 10.37 -6.18 9.16
C ASP B 50 10.12 -4.79 8.59
N ALA B 51 9.48 -3.94 9.42
CA ALA B 51 9.07 -2.63 8.98
C ALA B 51 10.28 -1.79 8.66
N VAL B 52 11.34 -1.96 9.44
CA VAL B 52 12.57 -1.20 9.22
C VAL B 52 13.24 -1.60 7.90
N ILE B 53 13.36 -2.90 7.66
CA ILE B 53 13.93 -3.41 6.41
C ILE B 53 13.14 -2.87 5.19
N ARG B 54 11.82 -2.96 5.27
CA ARG B 54 10.96 -2.50 4.17
C ARG B 54 11.06 -0.99 3.93
N GLU B 55 10.97 -0.20 5.00
CA GLU B 55 11.05 1.24 4.88
C GLU B 55 12.39 1.71 4.31
N TYR B 56 13.48 1.06 4.72
CA TYR B 56 14.80 1.61 4.36
C TYR B 56 15.48 0.85 3.24
N SER B 57 14.97 -0.34 2.93
CA SER B 57 15.44 -1.11 1.79
C SER B 57 16.98 -1.21 1.72
N PRO B 58 17.64 -1.64 2.81
CA PRO B 58 19.11 -1.62 2.79
C PRO B 58 19.69 -2.64 1.82
N SER B 59 20.81 -2.33 1.17
CA SER B 59 21.47 -3.27 0.27
C SER B 59 22.61 -4.03 0.94
N LEU B 60 23.10 -3.49 2.05
CA LEU B 60 24.15 -4.13 2.81
C LEU B 60 23.83 -3.95 4.29
N VAL B 61 23.68 -5.07 4.99
CA VAL B 61 23.28 -5.08 6.38
C VAL B 61 24.36 -5.78 7.19
N LEU B 62 24.67 -5.24 8.36
CA LEU B 62 25.54 -5.92 9.32
C LEU B 62 24.71 -6.30 10.54
N GLU B 63 24.75 -7.58 10.90
CA GLU B 63 24.11 -8.04 12.12
C GLU B 63 25.18 -8.44 13.13
N LEU B 64 25.06 -7.94 14.36
CA LEU B 64 25.94 -8.39 15.42
C LEU B 64 25.19 -9.32 16.38
N GLY B 65 25.64 -10.58 16.45
CA GLY B 65 25.05 -11.57 17.34
C GLY B 65 23.98 -12.42 16.67
N ALA B 66 24.38 -13.28 15.75
CA ALA B 66 23.42 -14.08 14.97
C ALA B 66 22.74 -15.17 15.79
N TYR B 67 23.42 -15.65 16.82
CA TYR B 67 22.95 -16.79 17.64
C TYR B 67 22.56 -18.02 16.81
N CYS B 68 21.27 -18.27 16.63
CA CYS B 68 20.82 -19.43 15.84
C CYS B 68 20.33 -19.08 14.44
N GLY B 69 20.33 -17.81 14.09
CA GLY B 69 19.99 -17.39 12.75
C GLY B 69 18.58 -16.84 12.58
N TYR B 70 17.81 -16.76 13.67
CA TYR B 70 16.44 -16.25 13.53
C TYR B 70 16.38 -14.87 12.88
N SER B 71 17.14 -13.92 13.42
CA SER B 71 17.12 -12.55 12.92
C SER B 71 17.73 -12.47 11.54
N ALA B 72 18.75 -13.28 11.29
CA ALA B 72 19.34 -13.37 9.96
C ALA B 72 18.30 -13.87 8.96
N VAL B 73 17.56 -14.92 9.30
CA VAL B 73 16.53 -15.42 8.40
C VAL B 73 15.46 -14.34 8.19
N ARG B 74 15.09 -13.66 9.27
CA ARG B 74 14.02 -12.67 9.18
C ARG B 74 14.40 -11.46 8.31
N MET B 75 15.62 -10.95 8.44
CA MET B 75 16.03 -9.82 7.63
C MET B 75 16.31 -10.22 6.18
N ALA B 76 17.10 -11.27 6.00
CA ALA B 76 17.51 -11.68 4.66
C ALA B 76 16.33 -12.08 3.76
N ARG B 77 15.22 -12.53 4.36
CA ARG B 77 14.04 -12.89 3.57
C ARG B 77 13.38 -11.68 2.92
N LEU B 78 13.63 -10.49 3.47
CA LEU B 78 13.06 -9.29 2.92
C LEU B 78 14.09 -8.51 2.08
N LEU B 79 15.31 -9.00 2.00
CA LEU B 79 16.30 -8.29 1.21
C LEU B 79 16.08 -8.51 -0.30
N GLN B 80 16.28 -7.44 -1.07
CA GLN B 80 16.22 -7.51 -2.53
C GLN B 80 17.32 -8.42 -3.07
N PRO B 81 17.18 -8.88 -4.33
CA PRO B 81 18.31 -9.61 -4.88
C PRO B 81 19.53 -8.70 -5.01
N GLY B 82 20.72 -9.24 -4.85
CA GLY B 82 21.91 -8.41 -4.87
C GLY B 82 22.23 -7.78 -3.53
N ALA B 83 21.22 -7.62 -2.67
CA ALA B 83 21.46 -7.19 -1.30
C ALA B 83 22.14 -8.30 -0.50
N ARG B 84 22.97 -7.93 0.47
CA ARG B 84 23.74 -8.89 1.25
C ARG B 84 23.67 -8.59 2.74
N LEU B 85 23.61 -9.65 3.52
CA LEU B 85 23.69 -9.55 4.97
C LEU B 85 24.99 -10.21 5.45
N LEU B 86 25.78 -9.47 6.22
CA LEU B 86 26.95 -9.99 6.91
C LEU B 86 26.57 -10.16 8.38
N THR B 87 26.68 -11.36 8.92
CA THR B 87 26.29 -11.53 10.30
C THR B 87 27.45 -12.12 11.08
N MET B 88 27.65 -11.62 12.30
CA MET B 88 28.78 -12.00 13.12
C MET B 88 28.28 -12.77 14.33
N GLU B 89 28.94 -13.88 14.62
CA GLU B 89 28.59 -14.75 15.73
C GLU B 89 29.87 -15.19 16.39
N ILE B 90 30.04 -14.87 17.66
CA ILE B 90 31.30 -15.14 18.34
C ILE B 90 31.50 -16.62 18.65
N ASN B 91 30.41 -17.36 18.85
CA ASN B 91 30.53 -18.78 19.19
C ASN B 91 30.51 -19.66 17.94
N PRO B 92 31.55 -20.45 17.74
CA PRO B 92 31.67 -21.26 16.52
C PRO B 92 30.56 -22.31 16.34
N ASP B 93 30.03 -22.86 17.43
CA ASP B 93 28.93 -23.81 17.30
C ASP B 93 27.68 -23.06 16.87
N CYS B 94 27.42 -21.91 17.50
CA CYS B 94 26.29 -21.08 17.08
C CYS B 94 26.43 -20.63 15.62
N ALA B 95 27.64 -20.26 15.21
CA ALA B 95 27.85 -19.86 13.81
C ALA B 95 27.47 -21.00 12.87
N ALA B 96 27.84 -22.22 13.22
CA ALA B 96 27.53 -23.39 12.40
C ALA B 96 26.02 -23.66 12.35
N ILE B 97 25.36 -23.53 13.50
CA ILE B 97 23.91 -23.62 13.54
C ILE B 97 23.28 -22.57 12.61
N THR B 98 23.77 -21.34 12.70
CA THR B 98 23.21 -20.23 11.93
C THR B 98 23.35 -20.51 10.44
N GLN B 99 24.49 -21.05 10.03
CA GLN B 99 24.71 -21.38 8.63
C GLN B 99 23.72 -22.44 8.10
N GLN B 100 23.50 -23.52 8.83
CA GLN B 100 22.61 -24.56 8.33
C GLN B 100 21.16 -24.10 8.39
N MET B 101 20.85 -23.23 9.35
CA MET B 101 19.52 -22.63 9.45
C MET B 101 19.21 -21.79 8.21
N LEU B 102 20.16 -20.94 7.83
CA LEU B 102 20.04 -20.15 6.61
C LEU B 102 20.03 -21.03 5.37
N ASN B 103 20.83 -22.09 5.36
CA ASN B 103 20.84 -23.02 4.23
C ASN B 103 19.48 -23.69 4.08
N PHE B 104 18.91 -24.15 5.18
CA PHE B 104 17.59 -24.76 5.14
C PHE B 104 16.54 -23.78 4.63
N ALA B 105 16.62 -22.53 5.11
CA ALA B 105 15.67 -21.49 4.73
C ALA B 105 15.82 -21.08 3.25
N GLY B 106 16.90 -21.51 2.60
CA GLY B 106 17.14 -21.13 1.22
C GLY B 106 17.80 -19.77 1.06
N LEU B 107 18.38 -19.24 2.14
CA LEU B 107 18.90 -17.88 2.10
C LEU B 107 20.41 -17.81 2.12
N GLN B 108 21.06 -18.95 1.89
CA GLN B 108 22.50 -19.06 2.02
C GLN B 108 23.25 -18.12 1.06
N ASP B 109 22.67 -17.83 -0.09
CA ASP B 109 23.32 -16.96 -1.06
C ASP B 109 23.32 -15.48 -0.66
N LYS B 110 22.40 -15.08 0.22
CA LYS B 110 22.30 -13.67 0.59
C LYS B 110 23.16 -13.34 1.80
N VAL B 111 23.61 -14.36 2.52
CA VAL B 111 24.21 -14.13 3.81
C VAL B 111 25.64 -14.65 3.87
N THR B 112 26.49 -13.90 4.55
CA THR B 112 27.84 -14.32 4.89
C THR B 112 27.95 -14.38 6.41
N ILE B 113 28.29 -15.54 6.96
CA ILE B 113 28.48 -15.68 8.39
C ILE B 113 29.94 -15.52 8.76
N LEU B 114 30.21 -14.63 9.71
CA LEU B 114 31.55 -14.41 10.22
C LEU B 114 31.62 -14.89 11.66
N ASN B 115 32.53 -15.83 11.92
CA ASN B 115 32.70 -16.34 13.27
C ASN B 115 33.85 -15.63 13.98
N GLY B 116 33.52 -14.76 14.92
CA GLY B 116 34.52 -14.00 15.63
C GLY B 116 33.89 -12.92 16.47
N ALA B 117 34.73 -12.21 17.22
CA ALA B 117 34.29 -11.10 18.03
C ALA B 117 34.16 -9.86 17.15
N SER B 118 33.13 -9.07 17.43
CA SER B 118 32.82 -7.88 16.64
C SER B 118 33.98 -6.87 16.57
N GLN B 119 34.71 -6.68 17.67
CA GLN B 119 35.76 -5.66 17.64
C GLN B 119 36.95 -6.13 16.80
N ASP B 120 37.04 -7.44 16.56
CA ASP B 120 38.09 -8.00 15.71
C ASP B 120 37.69 -7.95 14.24
N LEU B 121 36.41 -8.17 13.96
CA LEU B 121 35.95 -8.39 12.61
C LEU B 121 35.54 -7.10 11.92
N ILE B 122 34.94 -6.20 12.67
CA ILE B 122 34.45 -4.94 12.11
C ILE B 122 35.55 -4.18 11.37
N PRO B 123 36.76 -4.08 11.95
CA PRO B 123 37.70 -3.29 11.14
C PRO B 123 38.31 -4.05 9.97
N GLN B 124 37.90 -5.30 9.74
CA GLN B 124 38.34 -6.05 8.56
C GLN B 124 37.33 -6.04 7.43
N LEU B 125 36.15 -5.48 7.67
CA LEU B 125 35.08 -5.51 6.68
C LEU B 125 35.45 -4.84 5.34
N LYS B 126 36.12 -3.71 5.40
CA LYS B 126 36.51 -3.01 4.17
C LYS B 126 37.47 -3.85 3.32
N LYS B 127 38.54 -4.33 3.95
CA LYS B 127 39.57 -5.07 3.25
C LYS B 127 39.11 -6.47 2.82
N LYS B 128 38.57 -7.25 3.75
CA LYS B 128 38.26 -8.65 3.46
C LYS B 128 36.91 -8.89 2.81
N TYR B 129 35.92 -8.06 3.11
CA TYR B 129 34.57 -8.33 2.60
C TYR B 129 34.10 -7.28 1.63
N ASP B 130 35.04 -6.47 1.16
CA ASP B 130 34.80 -5.45 0.15
CA ASP B 130 34.78 -5.49 0.12
C ASP B 130 33.66 -4.51 0.53
N VAL B 131 33.62 -4.13 1.80
CA VAL B 131 32.60 -3.19 2.24
C VAL B 131 33.07 -1.76 2.01
N ASP B 132 32.17 -0.90 1.54
CA ASP B 132 32.42 0.53 1.60
C ASP B 132 31.76 1.06 2.85
N THR B 133 30.46 1.37 2.77
CA THR B 133 29.73 1.74 3.98
C THR B 133 28.53 0.82 4.17
N LEU B 134 28.02 0.77 5.40
CA LEU B 134 26.87 -0.09 5.69
C LEU B 134 25.59 0.71 5.57
N ASP B 135 24.53 0.05 5.09
CA ASP B 135 23.21 0.67 5.00
C ASP B 135 22.45 0.54 6.30
N MET B 136 22.71 -0.55 7.00
CA MET B 136 21.98 -0.84 8.22
C MET B 136 22.78 -1.76 9.14
N VAL B 137 22.63 -1.56 10.44
CA VAL B 137 23.30 -2.39 11.42
C VAL B 137 22.28 -2.85 12.44
N PHE B 138 22.24 -4.16 12.69
CA PHE B 138 21.35 -4.73 13.73
C PHE B 138 22.21 -5.24 14.87
N LEU B 139 22.00 -4.65 16.04
CA LEU B 139 22.80 -4.95 17.21
C LEU B 139 21.97 -5.83 18.16
N ASP B 140 22.46 -7.03 18.42
CA ASP B 140 21.81 -7.94 19.37
C ASP B 140 22.83 -8.93 19.95
N HIS B 141 24.03 -8.43 20.18
CA HIS B 141 25.09 -9.26 20.74
C HIS B 141 25.27 -8.86 22.22
N TRP B 142 26.50 -8.86 22.73
CA TRP B 142 26.71 -8.46 24.13
C TRP B 142 26.31 -7.01 24.37
N LYS B 143 25.52 -6.80 25.42
CA LYS B 143 24.90 -5.49 25.58
C LYS B 143 25.94 -4.39 25.86
N ASP B 144 27.00 -4.71 26.57
CA ASP B 144 28.01 -3.71 26.90
C ASP B 144 28.85 -3.37 25.67
N ARG B 145 28.59 -4.03 24.56
CA ARG B 145 29.35 -3.77 23.35
C ARG B 145 28.61 -2.88 22.34
N TYR B 146 27.33 -2.60 22.56
CA TYR B 146 26.58 -1.76 21.63
C TYR B 146 27.26 -0.40 21.42
N LEU B 147 27.60 0.28 22.52
CA LEU B 147 28.21 1.60 22.40
C LEU B 147 29.63 1.52 21.80
N PRO B 148 30.53 0.69 22.38
CA PRO B 148 31.87 0.70 21.77
C PRO B 148 31.90 0.21 20.32
N ASP B 149 31.04 -0.74 19.94
CA ASP B 149 31.03 -1.18 18.53
C ASP B 149 30.42 -0.11 17.62
N THR B 150 29.45 0.64 18.11
CA THR B 150 28.92 1.78 17.36
C THR B 150 30.02 2.83 17.08
N LEU B 151 30.80 3.14 18.10
CA LEU B 151 31.90 4.08 17.95
C LEU B 151 32.98 3.51 17.04
N LEU B 152 33.18 2.20 17.09
CA LEU B 152 34.19 1.53 16.26
C LEU B 152 33.76 1.56 14.78
N LEU B 153 32.48 1.28 14.54
CA LEU B 153 31.89 1.39 13.21
C LEU B 153 32.11 2.80 12.65
N GLU B 154 31.88 3.80 13.48
CA GLU B 154 32.07 5.18 13.05
C GLU B 154 33.55 5.41 12.69
N LYS B 155 34.45 5.11 13.65
CA LYS B 155 35.91 5.19 13.46
C LYS B 155 36.37 4.57 12.15
N CYS B 156 35.77 3.44 11.82
CA CYS B 156 36.28 2.65 10.73
C CYS B 156 35.72 3.13 9.41
N GLY B 157 34.84 4.12 9.46
CA GLY B 157 34.29 4.70 8.24
C GLY B 157 33.19 3.84 7.67
N LEU B 158 32.53 3.06 8.52
CA LEU B 158 31.54 2.12 8.01
C LEU B 158 30.14 2.72 8.01
N LEU B 159 30.00 3.89 8.62
CA LEU B 159 28.70 4.54 8.65
C LEU B 159 28.63 5.70 7.67
N ARG B 160 27.46 5.91 7.08
CA ARG B 160 27.26 7.11 6.27
C ARG B 160 25.98 7.79 6.70
N LYS B 161 25.76 9.02 6.21
CA LYS B 161 24.54 9.73 6.50
C LYS B 161 23.34 8.88 6.07
N GLY B 162 22.46 8.57 7.01
CA GLY B 162 21.31 7.74 6.67
C GLY B 162 21.43 6.25 6.99
N THR B 163 22.63 5.79 7.36
CA THR B 163 22.79 4.42 7.87
C THR B 163 21.85 4.23 9.06
N VAL B 164 21.09 3.14 9.04
CA VAL B 164 20.15 2.88 10.12
C VAL B 164 20.75 1.89 11.12
N LEU B 165 20.85 2.28 12.39
CA LEU B 165 21.17 1.31 13.44
C LEU B 165 19.90 0.89 14.15
N LEU B 166 19.72 -0.41 14.33
CA LEU B 166 18.58 -0.94 15.06
C LEU B 166 19.11 -1.82 16.18
N ALA B 167 18.78 -1.46 17.40
CA ALA B 167 19.35 -2.13 18.56
C ALA B 167 18.26 -2.78 19.41
N ASP B 168 18.41 -4.07 19.68
CA ASP B 168 17.40 -4.80 20.43
C ASP B 168 17.78 -4.84 21.92
N ASN B 169 16.81 -5.19 22.76
CA ASN B 169 17.02 -5.30 24.20
C ASN B 169 17.56 -4.03 24.87
N VAL B 170 17.21 -2.85 24.36
CA VAL B 170 17.73 -1.62 24.96
C VAL B 170 17.04 -1.27 26.29
N ILE B 171 15.99 -2.01 26.63
CA ILE B 171 15.31 -1.84 27.91
C ILE B 171 15.56 -3.01 28.85
N VAL B 172 15.31 -4.22 28.35
CA VAL B 172 15.50 -5.46 29.10
C VAL B 172 16.50 -6.35 28.35
N PRO B 173 17.68 -6.59 28.95
CA PRO B 173 18.09 -6.11 30.27
C PRO B 173 18.62 -4.68 30.27
N GLY B 174 18.78 -4.09 29.08
CA GLY B 174 19.11 -2.68 28.99
C GLY B 174 20.49 -2.36 28.46
N THR B 175 20.56 -1.28 27.71
CA THR B 175 21.83 -0.74 27.23
C THR B 175 21.83 0.76 27.49
N PRO B 176 21.84 1.14 28.77
CA PRO B 176 21.65 2.56 29.06
C PRO B 176 22.77 3.47 28.51
N ASP B 177 24.02 3.01 28.54
CA ASP B 177 25.12 3.83 28.02
C ASP B 177 24.92 4.07 26.54
N PHE B 178 24.50 3.03 25.82
CA PHE B 178 24.24 3.15 24.39
C PHE B 178 23.13 4.16 24.11
N LEU B 179 22.01 4.03 24.84
CA LEU B 179 20.88 4.94 24.64
C LEU B 179 21.25 6.39 24.94
N ALA B 180 21.87 6.62 26.09
CA ALA B 180 22.27 7.96 26.49
C ALA B 180 23.10 8.60 25.37
N TYR B 181 24.07 7.84 24.88
CA TYR B 181 24.93 8.35 23.81
C TYR B 181 24.19 8.66 22.52
N VAL B 182 23.50 7.69 21.94
CA VAL B 182 22.89 7.96 20.63
C VAL B 182 21.79 9.02 20.75
N ARG B 183 21.01 9.00 21.83
CA ARG B 183 19.96 9.99 22.00
C ARG B 183 20.57 11.39 22.28
N GLY B 184 21.66 11.42 23.04
CA GLY B 184 22.32 12.67 23.35
C GLY B 184 23.02 13.28 22.16
N SER B 185 23.55 12.44 21.27
CA SER B 185 24.44 12.93 20.21
C SER B 185 23.71 13.37 18.96
N SER B 186 24.10 14.51 18.41
CA SER B 186 23.49 15.02 17.20
C SER B 186 23.85 14.19 15.97
N SER B 187 24.74 13.21 16.14
CA SER B 187 25.10 12.34 15.02
C SER B 187 24.05 11.25 14.77
N PHE B 188 23.08 11.15 15.68
CA PHE B 188 22.05 10.09 15.59
C PHE B 188 20.67 10.65 15.85
N GLU B 189 19.77 10.44 14.90
CA GLU B 189 18.37 10.79 15.11
C GLU B 189 17.65 9.52 15.58
N CYS B 190 17.03 9.55 16.75
CA CYS B 190 16.58 8.34 17.41
C CYS B 190 15.07 8.13 17.53
N THR B 191 14.63 6.89 17.36
CA THR B 191 13.24 6.50 17.57
C THR B 191 13.18 5.24 18.45
N HIS B 192 12.33 5.26 19.47
CA HIS B 192 12.16 4.08 20.34
C HIS B 192 10.89 3.31 20.01
N TYR B 193 11.02 2.00 19.81
CA TYR B 193 9.88 1.13 19.58
C TYR B 193 9.67 0.19 20.75
N SER B 194 8.62 0.41 21.54
CA SER B 194 8.32 -0.45 22.67
C SER B 194 7.80 -1.77 22.18
N SER B 195 8.16 -2.82 22.88
CA SER B 195 7.60 -4.13 22.58
C SER B 195 7.31 -4.85 23.87
N TYR B 196 6.12 -5.44 23.95
CA TYR B 196 5.69 -6.16 25.14
C TYR B 196 6.00 -7.64 24.97
N LEU B 197 6.69 -8.21 25.94
CA LEU B 197 7.00 -9.64 25.88
C LEU B 197 5.90 -10.40 26.62
N GLU B 198 4.97 -10.96 25.84
CA GLU B 198 3.73 -11.58 26.34
C GLU B 198 3.99 -12.61 27.44
N TYR B 199 4.92 -13.53 27.17
CA TYR B 199 5.14 -14.68 28.04
C TYR B 199 6.11 -14.42 29.19
N MET B 200 6.55 -13.19 29.34
CA MET B 200 7.39 -12.83 30.47
C MET B 200 6.80 -11.64 31.20
N LYS B 201 5.81 -11.01 30.55
CA LYS B 201 5.01 -9.96 31.16
C LYS B 201 5.85 -8.71 31.45
N VAL B 202 6.79 -8.41 30.57
CA VAL B 202 7.63 -7.24 30.74
C VAL B 202 7.78 -6.48 29.42
N VAL B 203 7.97 -5.16 29.52
CA VAL B 203 8.11 -4.34 28.33
C VAL B 203 9.58 -4.16 27.94
N ASP B 204 9.94 -4.62 26.75
CA ASP B 204 11.27 -4.36 26.20
C ASP B 204 11.10 -3.30 25.11
N GLY B 205 12.14 -3.11 24.29
CA GLY B 205 12.11 -2.06 23.30
C GLY B 205 13.29 -2.14 22.37
N LEU B 206 13.13 -1.58 21.18
CA LEU B 206 14.21 -1.44 20.22
C LEU B 206 14.46 0.02 19.97
N GLU B 207 15.71 0.38 19.74
CA GLU B 207 16.04 1.74 19.38
C GLU B 207 16.53 1.80 17.92
N LYS B 208 15.88 2.62 17.11
CA LYS B 208 16.37 2.93 15.77
C LYS B 208 17.17 4.23 15.83
N ALA B 209 18.43 4.17 15.44
CA ALA B 209 19.28 5.36 15.48
C ALA B 209 19.87 5.59 14.10
N ILE B 210 19.47 6.67 13.44
CA ILE B 210 19.90 6.95 12.07
C ILE B 210 21.08 7.93 12.08
N TYR B 211 22.20 7.49 11.51
CA TYR B 211 23.42 8.31 11.48
C TYR B 211 23.22 9.58 10.66
N GLN B 212 23.63 10.71 11.21
CA GLN B 212 23.49 11.99 10.54
C GLN B 212 24.82 12.49 10.00
N GLY B 213 25.89 11.76 10.30
CA GLY B 213 27.23 12.22 9.96
C GLY B 213 27.97 12.53 11.25
N PRO B 214 29.29 12.70 11.16
CA PRO B 214 30.09 12.95 12.36
C PRO B 214 29.85 14.34 12.97
N SER B 215 30.12 14.47 14.27
CA SER B 215 30.17 15.79 14.90
C SER B 215 31.16 16.71 14.18
N SER B 216 30.81 17.97 13.98
CA SER B 216 31.69 18.91 13.27
C SER B 216 32.59 19.67 14.24
N PRO B 217 33.86 19.90 13.83
CA PRO B 217 34.81 20.66 14.65
C PRO B 217 34.33 22.09 14.91
N ASP B 218 34.81 22.70 15.99
CA ASP B 218 34.54 24.10 16.32
C ASP B 218 34.99 25.07 15.21
N LYS B 219 34.20 26.13 15.01
CA LYS B 219 34.56 27.23 14.09
C LYS B 219 34.88 28.51 14.84
N SER B 220 34.87 29.64 14.13
CA SER B 220 35.18 30.95 14.72
C SER B 220 34.15 31.37 15.77
N GLY C 1 -18.29 20.97 13.37
CA GLY C 1 -17.07 21.67 13.06
C GLY C 1 -16.54 21.36 11.68
N ASP C 2 -15.26 21.62 11.47
CA ASP C 2 -14.61 21.42 10.19
C ASP C 2 -14.49 19.92 9.85
N THR C 3 -14.67 19.58 8.58
CA THR C 3 -14.53 18.21 8.12
C THR C 3 -13.64 18.19 6.91
N LYS C 4 -13.07 17.03 6.60
CA LYS C 4 -12.27 16.86 5.40
C LYS C 4 -13.02 17.27 4.13
N GLU C 5 -14.30 16.92 4.05
CA GLU C 5 -15.08 17.23 2.84
C GLU C 5 -15.28 18.75 2.69
N GLN C 6 -15.51 19.44 3.80
CA GLN C 6 -15.55 20.91 3.77
C GLN C 6 -14.22 21.51 3.34
N ARG C 7 -13.11 20.91 3.77
CA ARG C 7 -11.79 21.40 3.39
C ARG C 7 -11.55 21.22 1.89
N ILE C 8 -12.00 20.11 1.34
CA ILE C 8 -11.85 19.89 -0.09
C ILE C 8 -12.59 20.98 -0.84
N LEU C 9 -13.84 21.22 -0.46
CA LEU C 9 -14.63 22.25 -1.11
C LEU C 9 -14.00 23.64 -1.00
N ARG C 10 -13.47 23.97 0.17
CA ARG C 10 -12.83 25.27 0.39
C ARG C 10 -11.58 25.40 -0.44
N TYR C 11 -10.82 24.31 -0.51
CA TYR C 11 -9.61 24.32 -1.29
C TYR C 11 -9.93 24.58 -2.76
N VAL C 12 -11.00 23.98 -3.26
CA VAL C 12 -11.44 24.21 -4.62
C VAL C 12 -11.89 25.66 -4.83
N GLN C 13 -12.69 26.17 -3.90
CA GLN C 13 -13.23 27.52 -4.03
C GLN C 13 -12.11 28.57 -3.98
N GLN C 14 -11.05 28.24 -3.27
CA GLN C 14 -9.93 29.15 -3.17
C GLN C 14 -9.00 29.08 -4.40
N ASN C 15 -8.72 27.88 -4.88
CA ASN C 15 -7.69 27.70 -5.89
C ASN C 15 -8.16 27.43 -7.31
N ALA C 16 -9.38 26.93 -7.48
CA ALA C 16 -9.88 26.69 -8.83
C ALA C 16 -10.61 27.92 -9.36
N LYS C 17 -11.02 27.85 -10.61
CA LYS C 17 -11.76 28.91 -11.23
C LYS C 17 -13.23 28.52 -11.41
N PRO C 18 -14.16 29.39 -10.99
CA PRO C 18 -15.59 29.08 -11.16
C PRO C 18 -15.96 28.93 -12.64
N GLY C 19 -16.79 27.95 -12.96
CA GLY C 19 -17.17 27.68 -14.33
C GLY C 19 -16.10 26.93 -15.11
N ASP C 20 -15.04 26.49 -14.42
CA ASP C 20 -13.96 25.76 -15.07
C ASP C 20 -13.81 24.38 -14.45
N PRO C 21 -14.52 23.37 -14.97
CA PRO C 21 -14.55 22.04 -14.38
C PRO C 21 -13.16 21.42 -14.32
N GLN C 22 -12.33 21.66 -15.34
CA GLN C 22 -10.97 21.11 -15.33
C GLN C 22 -10.15 21.67 -14.16
N SER C 23 -10.30 22.96 -13.87
CA SER C 23 -9.55 23.55 -12.75
C SER C 23 -10.03 22.97 -11.42
N VAL C 24 -11.31 22.62 -11.35
CA VAL C 24 -11.88 22.01 -10.18
C VAL C 24 -11.33 20.58 -9.95
N LEU C 25 -11.31 19.77 -11.00
CA LEU C 25 -10.73 18.44 -10.95
C LEU C 25 -9.29 18.47 -10.50
N GLU C 26 -8.50 19.34 -11.13
CA GLU C 26 -7.10 19.49 -10.80
C GLU C 26 -6.89 19.94 -9.35
N ALA C 27 -7.66 20.92 -8.89
CA ALA C 27 -7.62 21.34 -7.49
C ALA C 27 -7.88 20.16 -6.54
N ILE C 28 -8.95 19.40 -6.80
CA ILE C 28 -9.29 18.26 -5.95
C ILE C 28 -8.18 17.21 -5.94
N ASP C 29 -7.66 16.88 -7.12
CA ASP C 29 -6.62 15.86 -7.18
C ASP C 29 -5.34 16.38 -6.51
N THR C 30 -5.03 17.65 -6.69
CA THR C 30 -3.88 18.22 -5.97
C THR C 30 -4.07 18.09 -4.45
N TYR C 31 -5.24 18.49 -3.97
CA TYR C 31 -5.50 18.44 -2.53
C TYR C 31 -5.35 17.03 -1.99
N CYS C 32 -5.97 16.07 -2.66
CA CYS C 32 -6.00 14.70 -2.19
C CYS C 32 -4.65 14.02 -2.36
N THR C 33 -3.81 14.57 -3.23
CA THR C 33 -2.48 14.05 -3.44
C THR C 33 -1.46 14.64 -2.46
N GLN C 34 -1.60 15.92 -2.14
CA GLN C 34 -0.59 16.60 -1.35
C GLN C 34 -0.99 16.91 0.08
N LYS C 35 -2.29 16.92 0.38
CA LYS C 35 -2.76 17.38 1.69
C LYS C 35 -3.39 16.25 2.50
N GLU C 36 -4.47 15.67 1.98
CA GLU C 36 -5.06 14.53 2.67
C GLU C 36 -5.87 13.68 1.73
N TRP C 37 -5.65 12.38 1.83
CA TRP C 37 -6.40 11.38 1.08
C TRP C 37 -7.89 11.59 1.20
N ALA C 38 -8.61 11.30 0.13
CA ALA C 38 -10.06 11.21 0.18
C ALA C 38 -10.50 10.14 -0.81
N MET C 39 -11.64 9.52 -0.58
CA MET C 39 -12.07 8.49 -1.50
C MET C 39 -12.69 9.10 -2.75
N ASN C 40 -12.88 8.26 -3.77
CA ASN C 40 -13.62 8.59 -4.99
C ASN C 40 -13.06 9.80 -5.74
N VAL C 41 -11.74 9.90 -5.77
CA VAL C 41 -11.05 10.87 -6.62
C VAL C 41 -9.94 10.14 -7.39
N GLY C 42 -9.20 10.87 -8.21
CA GLY C 42 -8.06 10.28 -8.89
C GLY C 42 -8.13 10.49 -10.38
N ASP C 43 -7.13 11.16 -10.92
CA ASP C 43 -7.15 11.49 -12.34
C ASP C 43 -6.88 10.28 -13.21
N ALA C 44 -6.11 9.32 -12.71
CA ALA C 44 -5.85 8.11 -13.50
C ALA C 44 -7.14 7.36 -13.79
N LYS C 45 -7.96 7.16 -12.77
CA LYS C 45 -9.24 6.48 -13.01
C LYS C 45 -10.22 7.39 -13.75
N GLY C 46 -10.14 8.69 -13.45
CA GLY C 46 -10.93 9.70 -14.13
C GLY C 46 -10.78 9.64 -15.64
N GLN C 47 -9.58 9.34 -16.10
CA GLN C 47 -9.31 9.21 -17.53
C GLN C 47 -10.05 8.01 -18.15
N ILE C 48 -10.09 6.90 -17.43
CA ILE C 48 -10.87 5.74 -17.88
C ILE C 48 -12.33 6.15 -18.01
N MET C 49 -12.81 6.90 -17.03
CA MET C 49 -14.18 7.41 -17.03
C MET C 49 -14.44 8.32 -18.22
N ASP C 50 -13.51 9.25 -18.46
CA ASP C 50 -13.58 10.13 -19.61
C ASP C 50 -13.72 9.33 -20.91
N ALA C 51 -12.86 8.31 -21.03
CA ALA C 51 -12.79 7.53 -22.26
C ALA C 51 -14.13 6.83 -22.51
N VAL C 52 -14.73 6.32 -21.45
CA VAL C 52 -16.02 5.65 -21.55
C VAL C 52 -17.13 6.62 -21.93
N ILE C 53 -17.17 7.77 -21.26
CA ILE C 53 -18.17 8.80 -21.59
C ILE C 53 -18.09 9.26 -23.04
N ARG C 54 -16.88 9.53 -23.51
CA ARG C 54 -16.70 9.95 -24.90
C ARG C 54 -17.04 8.86 -25.91
N GLU C 55 -16.76 7.61 -25.56
CA GLU C 55 -17.01 6.50 -26.50
C GLU C 55 -18.49 6.25 -26.68
N TYR C 56 -19.25 6.37 -25.58
CA TYR C 56 -20.64 5.94 -25.60
C TYR C 56 -21.62 7.10 -25.61
N SER C 57 -21.13 8.31 -25.39
CA SER C 57 -21.95 9.52 -25.41
C SER C 57 -23.30 9.37 -24.74
N PRO C 58 -23.32 9.05 -23.44
CA PRO C 58 -24.62 8.82 -22.80
C PRO C 58 -25.43 10.11 -22.66
N SER C 59 -26.74 10.00 -22.85
CA SER C 59 -27.65 11.13 -22.64
C SER C 59 -28.17 11.20 -21.22
N LEU C 60 -28.30 10.05 -20.57
CA LEU C 60 -28.79 9.98 -19.22
C LEU C 60 -27.88 9.09 -18.39
N VAL C 61 -27.25 9.67 -17.37
CA VAL C 61 -26.29 8.96 -16.55
C VAL C 61 -26.76 8.89 -15.10
N LEU C 62 -26.58 7.73 -14.48
CA LEU C 62 -26.84 7.54 -13.05
C LEU C 62 -25.52 7.26 -12.36
N GLU C 63 -25.23 8.07 -11.34
CA GLU C 63 -24.05 7.85 -10.51
C GLU C 63 -24.47 7.43 -9.12
N LEU C 64 -23.87 6.36 -8.59
CA LEU C 64 -24.13 5.98 -7.20
C LEU C 64 -22.91 6.26 -6.34
N GLY C 65 -23.07 7.13 -5.35
CA GLY C 65 -21.99 7.49 -4.44
C GLY C 65 -21.21 8.75 -4.84
N ALA C 66 -21.90 9.90 -4.91
CA ALA C 66 -21.31 11.17 -5.35
C ALA C 66 -20.18 11.67 -4.44
N TYR C 67 -20.35 11.46 -3.15
CA TYR C 67 -19.40 11.91 -2.12
C TYR C 67 -19.22 13.43 -2.18
N CYS C 68 -18.07 13.92 -2.63
CA CYS C 68 -17.86 15.37 -2.73
C CYS C 68 -18.10 15.96 -4.11
N GLY C 69 -18.42 15.12 -5.08
CA GLY C 69 -18.79 15.60 -6.40
C GLY C 69 -17.67 15.52 -7.42
N TYR C 70 -16.57 14.88 -7.09
CA TYR C 70 -15.47 14.80 -8.05
C TYR C 70 -15.90 14.08 -9.33
N SER C 71 -16.50 12.91 -9.18
CA SER C 71 -16.95 12.12 -10.32
C SER C 71 -18.11 12.77 -11.05
N ALA C 72 -18.98 13.44 -10.30
CA ALA C 72 -20.06 14.19 -10.91
C ALA C 72 -19.52 15.31 -11.81
N VAL C 73 -18.53 16.06 -11.32
CA VAL C 73 -17.92 17.10 -12.14
C VAL C 73 -17.23 16.48 -13.35
N ARG C 74 -16.49 15.41 -13.09
CA ARG C 74 -15.77 14.70 -14.14
C ARG C 74 -16.66 14.29 -15.30
N MET C 75 -17.79 13.64 -14.99
CA MET C 75 -18.69 13.17 -16.03
C MET C 75 -19.54 14.28 -16.65
N ALA C 76 -20.10 15.16 -15.82
CA ALA C 76 -21.03 16.17 -16.33
C ALA C 76 -20.34 17.15 -17.27
N ARG C 77 -19.06 17.42 -17.05
CA ARG C 77 -18.32 18.34 -17.91
C ARG C 77 -18.21 17.80 -19.34
N LEU C 78 -18.47 16.51 -19.51
CA LEU C 78 -18.36 15.89 -20.83
C LEU C 78 -19.72 15.61 -21.47
N LEU C 79 -20.80 15.95 -20.78
CA LEU C 79 -22.14 15.68 -21.27
C LEU C 79 -22.58 16.72 -22.31
N GLN C 80 -23.19 16.26 -23.40
CA GLN C 80 -23.75 17.17 -24.42
C GLN C 80 -24.88 18.02 -23.83
N PRO C 81 -25.28 19.08 -24.54
CA PRO C 81 -26.45 19.83 -24.07
C PRO C 81 -27.69 18.95 -24.03
N GLY C 82 -28.50 19.09 -23.00
CA GLY C 82 -29.68 18.26 -22.86
C GLY C 82 -29.39 16.93 -22.18
N ALA C 83 -28.14 16.49 -22.21
CA ALA C 83 -27.76 15.31 -21.44
C ALA C 83 -27.79 15.63 -19.95
N ARG C 84 -28.07 14.63 -19.13
CA ARG C 84 -28.31 14.81 -17.71
C ARG C 84 -27.60 13.73 -16.90
N LEU C 85 -27.15 14.13 -15.72
CA LEU C 85 -26.61 13.22 -14.72
C LEU C 85 -27.51 13.26 -13.50
N LEU C 86 -27.94 12.09 -13.04
CA LEU C 86 -28.59 11.94 -11.74
C LEU C 86 -27.57 11.28 -10.82
N THR C 87 -27.31 11.88 -9.67
CA THR C 87 -26.31 11.29 -8.80
C THR C 87 -26.90 11.10 -7.41
N MET C 88 -26.62 9.95 -6.81
CA MET C 88 -27.16 9.60 -5.51
C MET C 88 -26.07 9.62 -4.44
N GLU C 89 -26.39 10.22 -3.29
CA GLU C 89 -25.44 10.37 -2.21
C GLU C 89 -26.17 10.15 -0.92
N ILE C 90 -25.79 9.13 -0.16
CA ILE C 90 -26.57 8.77 1.02
C ILE C 90 -26.39 9.78 2.17
N ASN C 91 -25.23 10.43 2.25
CA ASN C 91 -24.97 11.34 3.36
C ASN C 91 -25.37 12.77 3.03
N PRO C 92 -26.26 13.35 3.85
CA PRO C 92 -26.82 14.67 3.53
C PRO C 92 -25.78 15.79 3.49
N ASP C 93 -24.74 15.70 4.31
CA ASP C 93 -23.71 16.74 4.30
C ASP C 93 -22.89 16.64 3.01
N CYS C 94 -22.53 15.41 2.64
CA CYS C 94 -21.81 15.15 1.40
C CYS C 94 -22.64 15.59 0.19
N ALA C 95 -23.95 15.35 0.24
CA ALA C 95 -24.81 15.80 -0.84
C ALA C 95 -24.75 17.32 -1.01
N ALA C 96 -24.76 18.04 0.11
CA ALA C 96 -24.65 19.49 0.09
C ALA C 96 -23.32 19.97 -0.50
N ILE C 97 -22.25 19.29 -0.13
CA ILE C 97 -20.95 19.63 -0.69
C ILE C 97 -20.92 19.33 -2.20
N THR C 98 -21.47 18.19 -2.59
CA THR C 98 -21.54 17.84 -4.02
C THR C 98 -22.31 18.91 -4.77
N GLN C 99 -23.38 19.42 -4.19
CA GLN C 99 -24.17 20.48 -4.81
CA GLN C 99 -24.16 20.47 -4.83
C GLN C 99 -23.36 21.76 -5.03
N GLN C 100 -22.69 22.21 -3.98
CA GLN C 100 -21.93 23.46 -4.09
C GLN C 100 -20.74 23.28 -5.04
N MET C 101 -20.15 22.07 -5.03
CA MET C 101 -19.01 21.77 -5.90
C MET C 101 -19.41 21.87 -7.38
N LEU C 102 -20.55 21.29 -7.73
CA LEU C 102 -21.06 21.37 -9.09
C LEU C 102 -21.45 22.80 -9.46
N ASN C 103 -22.02 23.52 -8.49
CA ASN C 103 -22.36 24.93 -8.67
C ASN C 103 -21.13 25.76 -9.04
N PHE C 104 -20.09 25.62 -8.23
CA PHE C 104 -18.81 26.30 -8.49
C PHE C 104 -18.28 25.93 -9.88
N ALA C 105 -18.44 24.66 -10.23
CA ALA C 105 -17.94 24.19 -11.52
C ALA C 105 -18.77 24.76 -12.68
N GLY C 106 -19.94 25.33 -12.39
CA GLY C 106 -20.85 25.76 -13.44
C GLY C 106 -21.65 24.63 -14.08
N LEU C 107 -21.75 23.50 -13.38
CA LEU C 107 -22.41 22.32 -13.95
C LEU C 107 -23.76 22.02 -13.31
N GLN C 108 -24.22 22.91 -12.44
CA GLN C 108 -25.44 22.65 -11.67
C GLN C 108 -26.67 22.32 -12.54
N ASP C 109 -26.72 22.87 -13.74
CA ASP C 109 -27.90 22.67 -14.58
C ASP C 109 -27.91 21.32 -15.30
N LYS C 110 -26.78 20.61 -15.31
CA LYS C 110 -26.73 19.30 -15.94
C LYS C 110 -26.92 18.15 -14.95
N VAL C 111 -27.01 18.47 -13.65
CA VAL C 111 -27.02 17.46 -12.60
C VAL C 111 -28.19 17.59 -11.63
N THR C 112 -28.83 16.47 -11.34
CA THR C 112 -29.79 16.39 -10.23
C THR C 112 -29.18 15.54 -9.13
N ILE C 113 -29.07 16.10 -7.93
CA ILE C 113 -28.51 15.37 -6.81
C ILE C 113 -29.63 14.81 -5.95
N LEU C 114 -29.56 13.50 -5.72
CA LEU C 114 -30.54 12.81 -4.90
C LEU C 114 -29.88 12.35 -3.62
N ASN C 115 -30.42 12.79 -2.49
CA ASN C 115 -29.87 12.42 -1.20
C ASN C 115 -30.72 11.31 -0.58
N GLY C 116 -30.20 10.09 -0.62
CA GLY C 116 -30.87 8.94 -0.03
C GLY C 116 -30.13 7.67 -0.39
N ALA C 117 -30.63 6.54 0.09
CA ALA C 117 -30.03 5.26 -0.19
C ALA C 117 -30.43 4.79 -1.59
N SER C 118 -29.48 4.24 -2.33
CA SER C 118 -29.70 3.75 -3.68
C SER C 118 -30.93 2.85 -3.80
N GLN C 119 -31.12 1.94 -2.85
CA GLN C 119 -32.20 0.96 -3.01
C GLN C 119 -33.57 1.58 -2.73
N ASP C 120 -33.59 2.76 -2.10
CA ASP C 120 -34.83 3.50 -1.92
C ASP C 120 -35.11 4.40 -3.11
N LEU C 121 -34.04 4.88 -3.73
CA LEU C 121 -34.16 5.92 -4.72
C LEU C 121 -34.32 5.36 -6.12
N ILE C 122 -33.61 4.29 -6.42
CA ILE C 122 -33.63 3.70 -7.75
C ILE C 122 -35.06 3.37 -8.23
N PRO C 123 -35.90 2.77 -7.37
CA PRO C 123 -37.24 2.49 -7.94
C PRO C 123 -38.13 3.74 -8.07
N GLN C 124 -37.61 4.93 -7.77
CA GLN C 124 -38.42 6.14 -7.95
C GLN C 124 -38.03 6.91 -9.21
N LEU C 125 -36.95 6.50 -9.85
CA LEU C 125 -36.43 7.24 -10.99
C LEU C 125 -37.48 7.39 -12.11
N LYS C 126 -38.19 6.31 -12.40
CA LYS C 126 -39.21 6.35 -13.46
C LYS C 126 -40.32 7.34 -13.13
N LYS C 127 -40.84 7.26 -11.90
CA LYS C 127 -41.99 8.09 -11.56
C LYS C 127 -41.62 9.54 -11.27
N LYS C 128 -40.64 9.73 -10.41
CA LYS C 128 -40.36 11.06 -9.90
C LYS C 128 -39.41 11.85 -10.80
N TYR C 129 -38.58 11.15 -11.57
CA TYR C 129 -37.55 11.85 -12.33
C TYR C 129 -37.67 11.60 -13.82
N ASP C 130 -38.83 11.10 -14.23
CA ASP C 130 -39.16 10.98 -15.64
C ASP C 130 -38.13 10.17 -16.40
N VAL C 131 -37.60 9.13 -15.78
CA VAL C 131 -36.61 8.31 -16.46
C VAL C 131 -37.32 7.21 -17.25
N ASP C 132 -36.89 6.98 -18.48
CA ASP C 132 -37.30 5.77 -19.17
C ASP C 132 -36.25 4.70 -18.88
N THR C 133 -35.12 4.80 -19.56
CA THR C 133 -34.01 3.89 -19.30
C THR C 133 -32.71 4.67 -19.17
N LEU C 134 -31.73 4.07 -18.51
CA LEU C 134 -30.44 4.71 -18.29
C LEU C 134 -29.49 4.37 -19.43
N ASP C 135 -28.68 5.34 -19.84
CA ASP C 135 -27.64 5.05 -20.83
C ASP C 135 -26.37 4.58 -20.18
N MET C 136 -26.11 5.07 -18.98
CA MET C 136 -24.87 4.72 -18.30
C MET C 136 -25.04 4.74 -16.80
N VAL C 137 -24.40 3.80 -16.12
CA VAL C 137 -24.40 3.77 -14.67
C VAL C 137 -22.98 3.78 -14.16
N PHE C 138 -22.68 4.67 -13.21
CA PHE C 138 -21.36 4.66 -12.57
C PHE C 138 -21.53 4.24 -11.12
N LEU C 139 -20.88 3.15 -10.74
CA LEU C 139 -21.04 2.60 -9.40
C LEU C 139 -19.78 2.88 -8.58
N ASP C 140 -19.92 3.64 -7.50
CA ASP C 140 -18.80 3.91 -6.62
C ASP C 140 -19.27 4.20 -5.21
N HIS C 141 -20.32 3.50 -4.80
CA HIS C 141 -20.86 3.66 -3.46
C HIS C 141 -20.42 2.46 -2.60
N TRP C 142 -21.29 1.92 -1.75
CA TRP C 142 -20.90 0.75 -0.93
C TRP C 142 -20.71 -0.46 -1.80
N LYS C 143 -19.56 -1.13 -1.61
CA LYS C 143 -19.17 -2.18 -2.55
C LYS C 143 -20.13 -3.37 -2.52
N ASP C 144 -20.67 -3.67 -1.34
CA ASP C 144 -21.59 -4.80 -1.22
C ASP C 144 -22.95 -4.47 -1.83
N ARG C 145 -23.11 -3.26 -2.35
CA ARG C 145 -24.38 -2.90 -2.95
C ARG C 145 -24.34 -2.91 -4.47
N TYR C 146 -23.15 -3.16 -5.05
CA TYR C 146 -23.04 -3.19 -6.52
C TYR C 146 -23.95 -4.23 -7.16
N LEU C 147 -23.86 -5.47 -6.70
CA LEU C 147 -24.68 -6.53 -7.27
C LEU C 147 -26.18 -6.33 -7.03
N PRO C 148 -26.59 -6.11 -5.77
CA PRO C 148 -28.04 -6.00 -5.59
C PRO C 148 -28.64 -4.75 -6.25
N ASP C 149 -27.93 -3.62 -6.27
CA ASP C 149 -28.43 -2.45 -7.01
C ASP C 149 -28.49 -2.72 -8.52
N THR C 150 -27.52 -3.45 -9.04
CA THR C 150 -27.57 -3.82 -10.45
C THR C 150 -28.78 -4.68 -10.79
N LEU C 151 -29.11 -5.62 -9.90
CA LEU C 151 -30.29 -6.45 -10.07
C LEU C 151 -31.57 -5.62 -9.91
N LEU C 152 -31.52 -4.63 -9.03
CA LEU C 152 -32.68 -3.75 -8.80
C LEU C 152 -32.94 -2.86 -10.01
N LEU C 153 -31.87 -2.25 -10.52
CA LEU C 153 -31.91 -1.51 -11.78
C LEU C 153 -32.55 -2.34 -12.91
N GLU C 154 -32.09 -3.57 -13.06
CA GLU C 154 -32.67 -4.46 -14.06
C GLU C 154 -34.17 -4.65 -13.84
N LYS C 155 -34.56 -5.10 -12.66
CA LYS C 155 -35.96 -5.42 -12.42
C LYS C 155 -36.86 -4.19 -12.49
N CYS C 156 -36.29 -3.00 -12.28
CA CYS C 156 -37.07 -1.79 -12.37
C CYS C 156 -37.19 -1.36 -13.82
N GLY C 157 -36.53 -2.10 -14.71
CA GLY C 157 -36.59 -1.79 -16.12
C GLY C 157 -35.83 -0.52 -16.50
N LEU C 158 -34.75 -0.24 -15.78
CA LEU C 158 -33.93 0.94 -16.03
C LEU C 158 -32.78 0.66 -16.99
N LEU C 159 -32.54 -0.61 -17.29
CA LEU C 159 -31.46 -0.97 -18.19
C LEU C 159 -32.02 -1.32 -19.57
N ARG C 160 -31.27 -0.98 -20.62
CA ARG C 160 -31.62 -1.41 -21.95
C ARG C 160 -30.39 -1.99 -22.64
N LYS C 161 -30.60 -2.67 -23.76
CA LYS C 161 -29.49 -3.23 -24.50
C LYS C 161 -28.50 -2.12 -24.88
N GLY C 162 -27.25 -2.31 -24.51
CA GLY C 162 -26.25 -1.26 -24.70
C GLY C 162 -26.00 -0.31 -23.55
N THR C 163 -26.79 -0.40 -22.48
CA THR C 163 -26.52 0.41 -21.28
C THR C 163 -25.15 0.07 -20.70
N VAL C 164 -24.31 1.07 -20.51
CA VAL C 164 -22.98 0.84 -19.95
C VAL C 164 -22.94 0.98 -18.43
N LEU C 165 -22.58 -0.09 -17.72
CA LEU C 165 -22.22 0.00 -16.29
C LEU C 165 -20.71 0.13 -16.15
N LEU C 166 -20.28 1.11 -15.37
CA LEU C 166 -18.88 1.24 -15.02
C LEU C 166 -18.74 1.23 -13.51
N ALA C 167 -18.02 0.24 -12.99
CA ALA C 167 -17.97 0.00 -11.55
C ALA C 167 -16.55 0.17 -11.04
N ASP C 168 -16.36 1.02 -10.04
CA ASP C 168 -15.00 1.27 -9.54
C ASP C 168 -14.66 0.40 -8.34
N ASN C 169 -13.37 0.28 -8.03
CA ASN C 169 -12.90 -0.44 -6.85
C ASN C 169 -13.32 -1.93 -6.84
N VAL C 170 -13.40 -2.55 -8.01
CA VAL C 170 -13.87 -3.95 -8.07
C VAL C 170 -12.73 -4.91 -7.70
N ILE C 171 -11.53 -4.39 -7.56
CA ILE C 171 -10.41 -5.20 -7.07
C ILE C 171 -10.10 -4.83 -5.62
N VAL C 172 -9.98 -3.54 -5.36
CA VAL C 172 -9.69 -3.06 -4.01
C VAL C 172 -10.66 -1.96 -3.61
N PRO C 173 -11.44 -2.17 -2.53
CA PRO C 173 -11.48 -3.36 -1.67
C PRO C 173 -12.01 -4.63 -2.35
N GLY C 174 -12.68 -4.46 -3.49
CA GLY C 174 -13.12 -5.62 -4.26
C GLY C 174 -14.63 -5.80 -4.24
N THR C 175 -15.17 -6.31 -5.35
CA THR C 175 -16.59 -6.65 -5.43
C THR C 175 -16.76 -8.02 -6.08
N PRO C 176 -16.31 -9.08 -5.38
CA PRO C 176 -16.32 -10.42 -5.98
C PRO C 176 -17.70 -10.90 -6.42
N ASP C 177 -18.74 -10.66 -5.63
CA ASP C 177 -20.05 -11.17 -6.04
C ASP C 177 -20.48 -10.46 -7.33
N PHE C 178 -20.22 -9.16 -7.42
CA PHE C 178 -20.56 -8.38 -8.62
C PHE C 178 -19.85 -8.93 -9.84
N LEU C 179 -18.52 -9.04 -9.76
CA LEU C 179 -17.72 -9.49 -10.89
C LEU C 179 -18.12 -10.88 -11.38
N ALA C 180 -18.27 -11.82 -10.45
CA ALA C 180 -18.73 -13.16 -10.80
C ALA C 180 -20.04 -13.07 -11.57
N TYR C 181 -21.00 -12.31 -11.06
CA TYR C 181 -22.29 -12.22 -11.72
C TYR C 181 -22.20 -11.65 -13.13
N VAL C 182 -21.62 -10.46 -13.29
CA VAL C 182 -21.68 -9.79 -14.59
C VAL C 182 -20.81 -10.50 -15.63
N ARG C 183 -19.70 -11.08 -15.20
CA ARG C 183 -18.81 -11.78 -16.12
C ARG C 183 -19.40 -13.14 -16.50
N GLY C 184 -20.08 -13.78 -15.56
CA GLY C 184 -20.70 -15.07 -15.81
C GLY C 184 -21.96 -14.97 -16.63
N SER C 185 -22.68 -13.86 -16.49
CA SER C 185 -23.98 -13.73 -17.12
C SER C 185 -23.86 -13.32 -18.57
N SER C 186 -24.66 -13.92 -19.43
CA SER C 186 -24.68 -13.51 -20.83
C SER C 186 -25.39 -12.16 -20.99
N SER C 187 -25.98 -11.64 -19.91
CA SER C 187 -26.61 -10.31 -19.98
C SER C 187 -25.59 -9.17 -19.90
N PHE C 188 -24.31 -9.49 -19.78
CA PHE C 188 -23.29 -8.43 -19.65
C PHE C 188 -22.03 -8.75 -20.42
N GLU C 189 -21.61 -7.84 -21.28
CA GLU C 189 -20.31 -8.00 -21.90
C GLU C 189 -19.31 -7.13 -21.13
N CYS C 190 -18.27 -7.76 -20.62
CA CYS C 190 -17.41 -7.15 -19.60
C CYS C 190 -15.98 -6.90 -20.04
N THR C 191 -15.47 -5.74 -19.67
CA THR C 191 -14.09 -5.35 -19.93
C THR C 191 -13.49 -4.84 -18.63
N HIS C 192 -12.29 -5.30 -18.30
CA HIS C 192 -11.64 -4.86 -17.06
C HIS C 192 -10.54 -3.85 -17.34
N TYR C 193 -10.65 -2.68 -16.71
CA TYR C 193 -9.66 -1.61 -16.83
C TYR C 193 -8.84 -1.54 -15.55
N SER C 194 -7.56 -1.88 -15.63
CA SER C 194 -6.69 -1.84 -14.47
C SER C 194 -6.16 -0.43 -14.22
N SER C 195 -5.88 -0.12 -12.96
CA SER C 195 -5.23 1.13 -12.61
C SER C 195 -4.59 1.01 -11.24
N TYR C 196 -3.37 1.52 -11.09
CA TYR C 196 -2.76 1.55 -9.78
C TYR C 196 -3.38 2.69 -8.99
N LEU C 197 -3.74 2.39 -7.75
CA LEU C 197 -4.20 3.41 -6.81
C LEU C 197 -3.12 4.45 -6.62
N GLU C 198 -3.55 5.72 -6.50
CA GLU C 198 -2.61 6.82 -6.41
C GLU C 198 -1.97 6.90 -5.03
N TYR C 199 -2.71 6.45 -4.02
CA TYR C 199 -2.37 6.73 -2.62
C TYR C 199 -1.73 5.56 -1.88
N MET C 200 -1.71 4.39 -2.52
CA MET C 200 -0.99 3.23 -2.02
C MET C 200 -0.67 2.37 -3.24
N LYS C 201 0.34 1.52 -3.13
CA LYS C 201 0.90 0.89 -4.32
C LYS C 201 0.31 -0.48 -4.53
N VAL C 202 -0.98 -0.52 -4.85
CA VAL C 202 -1.67 -1.77 -5.17
C VAL C 202 -2.48 -1.58 -6.47
N VAL C 203 -2.59 -2.64 -7.26
CA VAL C 203 -3.43 -2.61 -8.47
C VAL C 203 -4.92 -2.70 -8.13
N ASP C 204 -5.69 -1.73 -8.61
CA ASP C 204 -7.14 -1.75 -8.54
C ASP C 204 -7.65 -1.86 -9.98
N GLY C 205 -8.94 -1.67 -10.17
CA GLY C 205 -9.53 -1.77 -11.49
C GLY C 205 -10.97 -1.34 -11.52
N LEU C 206 -11.44 -1.03 -12.73
CA LEU C 206 -12.84 -0.76 -12.98
C LEU C 206 -13.38 -1.82 -13.91
N GLU C 207 -14.62 -2.22 -13.70
CA GLU C 207 -15.24 -3.14 -14.64
C GLU C 207 -16.24 -2.35 -15.49
N LYS C 208 -16.11 -2.44 -16.81
CA LYS C 208 -17.13 -1.95 -17.71
C LYS C 208 -18.01 -3.13 -18.13
N ALA C 209 -19.28 -3.06 -17.79
CA ALA C 209 -20.20 -4.15 -18.09
C ALA C 209 -21.32 -3.62 -18.97
N ILE C 210 -21.41 -4.11 -20.20
CA ILE C 210 -22.43 -3.61 -21.11
C ILE C 210 -23.63 -4.55 -21.13
N TYR C 211 -24.80 -4.02 -20.80
CA TYR C 211 -26.03 -4.81 -20.76
C TYR C 211 -26.44 -5.28 -22.16
N GLN C 212 -26.78 -6.55 -22.24
CA GLN C 212 -27.13 -7.19 -23.52
C GLN C 212 -28.61 -7.50 -23.58
N GLY C 213 -29.34 -7.20 -22.52
CA GLY C 213 -30.74 -7.58 -22.42
C GLY C 213 -30.90 -8.71 -21.41
N PRO C 214 -32.15 -8.97 -20.99
CA PRO C 214 -32.41 -9.97 -19.93
C PRO C 214 -32.03 -11.40 -20.34
N SER C 215 -31.67 -12.21 -19.35
CA SER C 215 -31.49 -13.64 -19.55
C SER C 215 -32.78 -14.27 -20.09
N SER C 216 -32.64 -15.30 -20.91
CA SER C 216 -33.77 -15.84 -21.66
C SER C 216 -34.43 -17.04 -20.98
N PRO C 217 -35.78 -17.07 -20.99
CA PRO C 217 -36.53 -18.23 -20.48
C PRO C 217 -36.17 -19.53 -21.22
N ASP C 218 -36.35 -20.66 -20.55
CA ASP C 218 -36.16 -21.98 -21.16
C ASP C 218 -37.09 -22.19 -22.35
N LYS C 219 -36.51 -22.56 -23.49
CA LYS C 219 -37.23 -22.72 -24.75
C LYS C 219 -37.54 -24.19 -25.00
N SER C 220 -38.52 -24.42 -25.88
CA SER C 220 -38.74 -25.71 -26.56
C SER C 220 -40.13 -25.67 -27.19
N GLY D 1 23.41 18.37 -39.13
CA GLY D 1 22.44 19.39 -38.77
C GLY D 1 21.69 19.08 -37.48
N ASP D 2 20.99 20.08 -36.95
CA ASP D 2 20.24 19.94 -35.72
C ASP D 2 19.08 18.97 -35.90
N THR D 3 18.77 18.20 -34.85
CA THR D 3 17.62 17.31 -34.88
C THR D 3 16.81 17.53 -33.61
N LYS D 4 15.54 17.12 -33.64
CA LYS D 4 14.69 17.12 -32.44
C LYS D 4 15.34 16.36 -31.28
N GLU D 5 15.96 15.21 -31.56
CA GLU D 5 16.55 14.40 -30.51
C GLU D 5 17.72 15.13 -29.85
N GLN D 6 18.51 15.80 -30.67
CA GLN D 6 19.62 16.60 -30.12
C GLN D 6 19.11 17.74 -29.25
N ARG D 7 18.03 18.37 -29.68
CA ARG D 7 17.42 19.49 -28.94
C ARG D 7 16.89 19.03 -27.60
N ILE D 8 16.26 17.86 -27.58
CA ILE D 8 15.75 17.31 -26.34
C ILE D 8 16.91 17.15 -25.35
N LEU D 9 18.01 16.58 -25.81
CA LEU D 9 19.16 16.35 -24.95
C LEU D 9 19.76 17.67 -24.47
N ARG D 10 19.85 18.65 -25.35
CA ARG D 10 20.45 19.94 -24.97
C ARG D 10 19.57 20.68 -23.94
N TYR D 11 18.26 20.55 -24.10
CA TYR D 11 17.31 21.14 -23.15
C TYR D 11 17.47 20.52 -21.75
N VAL D 12 17.68 19.20 -21.70
CA VAL D 12 17.99 18.53 -20.46
C VAL D 12 19.32 19.02 -19.88
N GLN D 13 20.35 19.08 -20.71
CA GLN D 13 21.65 19.48 -20.20
C GLN D 13 21.64 20.94 -19.73
N GLN D 14 20.80 21.77 -20.35
CA GLN D 14 20.72 23.15 -19.95
C GLN D 14 19.88 23.33 -18.66
N ASN D 15 18.80 22.57 -18.51
CA ASN D 15 17.81 22.87 -17.46
C ASN D 15 17.70 21.85 -16.32
N ALA D 16 18.06 20.61 -16.58
CA ALA D 16 17.98 19.60 -15.53
C ALA D 16 19.26 19.64 -14.68
N LYS D 17 19.31 18.87 -13.60
CA LYS D 17 20.53 18.79 -12.80
C LYS D 17 21.21 17.45 -13.03
N PRO D 18 22.52 17.47 -13.24
CA PRO D 18 23.29 16.22 -13.42
C PRO D 18 23.13 15.29 -12.20
N GLY D 19 23.00 13.99 -12.45
CA GLY D 19 22.85 13.04 -11.35
C GLY D 19 21.47 13.07 -10.72
N ASP D 20 20.55 13.82 -11.31
CA ASP D 20 19.19 13.92 -10.75
C ASP D 20 18.16 13.41 -11.77
N PRO D 21 17.87 12.11 -11.74
CA PRO D 21 16.96 11.51 -12.73
C PRO D 21 15.60 12.18 -12.77
N GLN D 22 15.08 12.61 -11.61
CA GLN D 22 13.77 13.23 -11.62
C GLN D 22 13.77 14.55 -12.39
N SER D 23 14.84 15.33 -12.30
CA SER D 23 14.86 16.60 -13.03
C SER D 23 14.97 16.36 -14.53
N VAL D 24 15.67 15.30 -14.91
CA VAL D 24 15.79 14.95 -16.32
C VAL D 24 14.43 14.59 -16.90
N LEU D 25 13.69 13.72 -16.21
CA LEU D 25 12.36 13.36 -16.67
C LEU D 25 11.46 14.59 -16.77
N GLU D 26 11.58 15.47 -15.80
CA GLU D 26 10.73 16.67 -15.77
C GLU D 26 11.12 17.62 -16.89
N ALA D 27 12.42 17.73 -17.16
CA ALA D 27 12.89 18.59 -18.24
C ALA D 27 12.42 18.05 -19.59
N ILE D 28 12.49 16.74 -19.78
CA ILE D 28 12.06 16.16 -21.05
C ILE D 28 10.55 16.37 -21.22
N ASP D 29 9.77 16.05 -20.20
CA ASP D 29 8.32 16.18 -20.34
C ASP D 29 7.92 17.63 -20.57
N THR D 30 8.63 18.57 -19.96
CA THR D 30 8.34 19.99 -20.17
C THR D 30 8.56 20.36 -21.63
N TYR D 31 9.73 20.01 -22.13
CA TYR D 31 10.10 20.31 -23.50
C TYR D 31 9.09 19.74 -24.49
N CYS D 32 8.73 18.48 -24.31
CA CYS D 32 7.84 17.85 -25.25
C CYS D 32 6.39 18.33 -25.07
N THR D 33 6.07 18.88 -23.91
CA THR D 33 4.73 19.44 -23.68
C THR D 33 4.62 20.86 -24.22
N GLN D 34 5.72 21.61 -24.12
CA GLN D 34 5.71 23.04 -24.43
C GLN D 34 6.34 23.40 -25.76
N LYS D 35 7.31 22.62 -26.22
CA LYS D 35 8.11 23.02 -27.37
C LYS D 35 7.82 22.20 -28.63
N GLU D 36 8.15 20.91 -28.58
CA GLU D 36 7.80 20.03 -29.68
C GLU D 36 7.57 18.62 -29.19
N TRP D 37 6.57 18.00 -29.80
CA TRP D 37 6.20 16.64 -29.49
C TRP D 37 7.35 15.68 -29.81
N ALA D 38 7.45 14.62 -29.01
CA ALA D 38 8.37 13.56 -29.32
C ALA D 38 7.78 12.23 -28.87
N MET D 39 8.13 11.16 -29.58
CA MET D 39 7.73 9.81 -29.19
C MET D 39 8.24 9.43 -27.80
N ASN D 40 7.54 8.48 -27.18
CA ASN D 40 8.09 7.67 -26.09
C ASN D 40 8.46 8.49 -24.86
N VAL D 41 7.68 9.54 -24.59
CA VAL D 41 7.78 10.27 -23.33
C VAL D 41 6.40 10.38 -22.73
N GLY D 42 6.27 11.00 -21.57
CA GLY D 42 4.96 11.24 -20.99
C GLY D 42 4.87 10.79 -19.56
N ASP D 43 4.66 11.74 -18.65
CA ASP D 43 4.67 11.42 -17.23
C ASP D 43 3.49 10.51 -16.86
N ALA D 44 2.35 10.65 -17.53
CA ALA D 44 1.18 9.83 -17.20
C ALA D 44 1.49 8.35 -17.41
N LYS D 45 1.98 8.00 -18.59
CA LYS D 45 2.40 6.63 -18.81
C LYS D 45 3.59 6.24 -17.92
N GLY D 46 4.46 7.21 -17.64
CA GLY D 46 5.55 6.96 -16.72
C GLY D 46 5.11 6.56 -15.32
N GLN D 47 3.96 7.06 -14.85
CA GLN D 47 3.43 6.68 -13.54
C GLN D 47 3.08 5.21 -13.50
N ILE D 48 2.49 4.74 -14.59
CA ILE D 48 2.13 3.33 -14.71
C ILE D 48 3.39 2.49 -14.71
N MET D 49 4.39 2.89 -15.49
CA MET D 49 5.70 2.22 -15.50
C MET D 49 6.34 2.17 -14.13
N ASP D 50 6.41 3.33 -13.47
CA ASP D 50 6.91 3.38 -12.10
C ASP D 50 6.20 2.34 -11.23
N ALA D 51 4.88 2.26 -11.38
CA ALA D 51 4.10 1.40 -10.49
C ALA D 51 4.38 -0.07 -10.74
N VAL D 52 4.62 -0.42 -12.00
CA VAL D 52 4.96 -1.78 -12.38
C VAL D 52 6.33 -2.16 -11.82
N ILE D 53 7.31 -1.29 -12.05
CA ILE D 53 8.65 -1.51 -11.53
C ILE D 53 8.64 -1.70 -10.01
N ARG D 54 7.84 -0.89 -9.32
CA ARG D 54 7.80 -0.93 -7.86
C ARG D 54 7.10 -2.18 -7.35
N GLU D 55 6.09 -2.63 -8.09
CA GLU D 55 5.40 -3.86 -7.76
C GLU D 55 6.26 -5.12 -7.95
N TYR D 56 7.04 -5.18 -9.02
CA TYR D 56 7.76 -6.43 -9.31
C TYR D 56 9.25 -6.41 -8.97
N SER D 57 9.79 -5.25 -8.61
CA SER D 57 11.22 -5.09 -8.28
C SER D 57 12.16 -5.90 -9.16
N PRO D 58 12.08 -5.74 -10.49
CA PRO D 58 12.90 -6.59 -11.37
C PRO D 58 14.41 -6.37 -11.20
N SER D 59 15.17 -7.44 -11.30
CA SER D 59 16.63 -7.39 -11.23
C SER D 59 17.24 -7.22 -12.62
N LEU D 60 16.57 -7.76 -13.63
CA LEU D 60 17.04 -7.65 -15.00
C LEU D 60 15.91 -7.25 -15.92
N VAL D 61 16.04 -6.07 -16.52
CA VAL D 61 15.00 -5.52 -17.41
C VAL D 61 15.49 -5.33 -18.84
N LEU D 62 14.64 -5.69 -19.81
CA LEU D 62 14.92 -5.44 -21.21
C LEU D 62 13.97 -4.39 -21.76
N GLU D 63 14.52 -3.33 -22.36
CA GLU D 63 13.69 -2.33 -23.05
C GLU D 63 13.88 -2.42 -24.56
N LEU D 64 12.78 -2.46 -25.33
CA LEU D 64 12.88 -2.37 -26.78
C LEU D 64 12.37 -1.01 -27.23
N GLY D 65 13.27 -0.23 -27.85
CA GLY D 65 12.94 1.06 -28.42
C GLY D 65 13.31 2.22 -27.48
N ALA D 66 14.59 2.36 -27.17
CA ALA D 66 15.04 3.40 -26.21
C ALA D 66 14.72 4.83 -26.66
N TYR D 67 14.91 5.11 -27.94
CA TYR D 67 14.74 6.43 -28.55
C TYR D 67 15.74 7.43 -27.93
N CYS D 68 15.29 8.35 -27.06
CA CYS D 68 16.22 9.32 -26.45
C CYS D 68 16.60 9.01 -25.01
N GLY D 69 16.02 7.95 -24.45
CA GLY D 69 16.41 7.52 -23.13
C GLY D 69 15.43 7.86 -22.04
N TYR D 70 14.27 8.42 -22.39
CA TYR D 70 13.32 8.83 -21.36
C TYR D 70 12.90 7.63 -20.49
N SER D 71 12.47 6.56 -21.14
CA SER D 71 11.98 5.39 -20.43
C SER D 71 13.12 4.70 -19.68
N ALA D 72 14.30 4.70 -20.29
CA ALA D 72 15.46 4.11 -19.64
C ALA D 72 15.78 4.86 -18.34
N VAL D 73 15.68 6.18 -18.35
CA VAL D 73 15.92 6.98 -17.14
C VAL D 73 14.81 6.70 -16.14
N ARG D 74 13.58 6.64 -16.65
CA ARG D 74 12.40 6.36 -15.86
C ARG D 74 12.58 5.06 -15.08
N MET D 75 12.97 3.99 -15.79
CA MET D 75 13.09 2.69 -15.17
C MET D 75 14.38 2.52 -14.35
N ALA D 76 15.51 2.95 -14.90
CA ALA D 76 16.79 2.75 -14.23
C ALA D 76 16.86 3.46 -12.87
N ARG D 77 16.18 4.58 -12.73
CA ARG D 77 16.23 5.35 -11.50
C ARG D 77 15.55 4.60 -10.35
N LEU D 78 14.72 3.63 -10.72
CA LEU D 78 13.97 2.88 -9.72
C LEU D 78 14.58 1.52 -9.40
N LEU D 79 15.62 1.14 -10.13
CA LEU D 79 16.24 -0.15 -9.94
C LEU D 79 17.12 -0.16 -8.69
N GLN D 80 17.06 -1.28 -7.98
CA GLN D 80 17.90 -1.52 -6.81
C GLN D 80 19.35 -1.68 -7.22
N PRO D 81 20.29 -1.46 -6.29
CA PRO D 81 21.70 -1.70 -6.62
C PRO D 81 21.92 -3.13 -7.11
N GLY D 82 22.80 -3.31 -8.10
CA GLY D 82 22.98 -4.63 -8.68
C GLY D 82 22.03 -4.95 -9.82
N ALA D 83 20.85 -4.34 -9.82
CA ALA D 83 19.88 -4.55 -10.92
C ALA D 83 20.35 -3.83 -12.18
N ARG D 84 19.94 -4.36 -13.33
CA ARG D 84 20.40 -3.87 -14.62
C ARG D 84 19.27 -3.72 -15.62
N LEU D 85 19.40 -2.68 -16.44
CA LEU D 85 18.56 -2.48 -17.60
C LEU D 85 19.39 -2.72 -18.86
N LEU D 86 18.85 -3.52 -19.77
CA LEU D 86 19.42 -3.64 -21.10
C LEU D 86 18.44 -2.97 -22.05
N THR D 87 18.89 -2.01 -22.84
CA THR D 87 17.94 -1.35 -23.70
C THR D 87 18.44 -1.35 -25.12
N MET D 88 17.53 -1.62 -26.05
CA MET D 88 17.88 -1.74 -27.45
C MET D 88 17.32 -0.55 -28.24
N GLU D 89 18.14 -0.03 -29.15
CA GLU D 89 17.78 1.12 -29.97
C GLU D 89 18.33 0.88 -31.35
N ILE D 90 17.46 0.88 -32.36
CA ILE D 90 17.93 0.52 -33.68
C ILE D 90 18.72 1.66 -34.36
N ASN D 91 18.40 2.91 -34.06
CA ASN D 91 19.09 4.02 -34.72
C ASN D 91 20.33 4.48 -33.96
N PRO D 92 21.49 4.52 -34.64
CA PRO D 92 22.74 4.77 -33.90
C PRO D 92 22.85 6.18 -33.30
N ASP D 93 22.26 7.19 -33.93
CA ASP D 93 22.29 8.54 -33.36
C ASP D 93 21.43 8.58 -32.10
N CYS D 94 20.26 7.94 -32.17
CA CYS D 94 19.39 7.83 -31.01
C CYS D 94 20.04 7.03 -29.88
N ALA D 95 20.76 5.97 -30.23
CA ALA D 95 21.50 5.19 -29.24
C ALA D 95 22.49 6.09 -28.50
N ALA D 96 23.20 6.93 -29.24
CA ALA D 96 24.17 7.86 -28.64
C ALA D 96 23.47 8.87 -27.72
N ILE D 97 22.34 9.44 -28.18
CA ILE D 97 21.59 10.38 -27.34
C ILE D 97 21.17 9.70 -26.03
N THR D 98 20.63 8.50 -26.14
CA THR D 98 20.21 7.74 -24.98
C THR D 98 21.39 7.54 -24.02
N GLN D 99 22.57 7.29 -24.58
CA GLN D 99 23.75 7.09 -23.73
C GLN D 99 24.13 8.34 -22.94
N GLN D 100 24.16 9.49 -23.62
CA GLN D 100 24.52 10.73 -22.95
C GLN D 100 23.41 11.15 -21.98
N MET D 101 22.16 10.86 -22.34
CA MET D 101 21.03 11.17 -21.48
C MET D 101 21.19 10.42 -20.14
N LEU D 102 21.50 9.13 -20.23
CA LEU D 102 21.67 8.30 -19.04
C LEU D 102 22.89 8.70 -18.24
N ASN D 103 23.96 9.02 -18.96
CA ASN D 103 25.16 9.56 -18.35
C ASN D 103 24.87 10.84 -17.53
N PHE D 104 24.24 11.82 -18.17
CA PHE D 104 23.87 13.06 -17.48
C PHE D 104 23.04 12.74 -16.23
N ALA D 105 22.09 11.81 -16.36
CA ALA D 105 21.21 11.45 -15.25
C ALA D 105 21.94 10.74 -14.11
N GLY D 106 23.17 10.28 -14.37
CA GLY D 106 23.94 9.57 -13.36
C GLY D 106 23.61 8.08 -13.30
N LEU D 107 22.97 7.57 -14.35
CA LEU D 107 22.47 6.19 -14.32
C LEU D 107 23.25 5.27 -15.26
N GLN D 108 24.38 5.73 -15.76
CA GLN D 108 25.12 4.99 -16.80
C GLN D 108 25.62 3.60 -16.35
N ASP D 109 25.77 3.38 -15.05
CA ASP D 109 26.25 2.08 -14.55
C ASP D 109 25.14 1.06 -14.33
N LYS D 110 23.91 1.49 -14.52
CA LYS D 110 22.75 0.60 -14.35
C LYS D 110 22.27 0.08 -15.69
N VAL D 111 22.77 0.67 -16.77
CA VAL D 111 22.21 0.45 -18.10
C VAL D 111 23.25 0.05 -19.14
N THR D 112 22.91 -0.94 -19.95
CA THR D 112 23.67 -1.31 -21.13
C THR D 112 22.86 -0.96 -22.37
N ILE D 113 23.39 -0.09 -23.23
CA ILE D 113 22.70 0.23 -24.48
C ILE D 113 23.20 -0.59 -25.64
N LEU D 114 22.27 -1.25 -26.31
CA LEU D 114 22.58 -2.06 -27.47
C LEU D 114 22.02 -1.39 -28.71
N ASN D 115 22.89 -1.13 -29.67
CA ASN D 115 22.48 -0.50 -30.91
C ASN D 115 22.31 -1.54 -32.04
N GLY D 116 21.05 -1.85 -32.35
CA GLY D 116 20.73 -2.83 -33.39
C GLY D 116 19.24 -3.20 -33.42
N ALA D 117 18.85 -4.03 -34.36
CA ALA D 117 17.46 -4.49 -34.44
C ALA D 117 17.19 -5.55 -33.37
N SER D 118 16.01 -5.48 -32.76
CA SER D 118 15.60 -6.42 -31.73
C SER D 118 15.77 -7.89 -32.13
N GLN D 119 15.35 -8.23 -33.34
CA GLN D 119 15.36 -9.63 -33.75
C GLN D 119 16.80 -10.12 -33.91
N ASP D 120 17.75 -9.19 -34.11
CA ASP D 120 19.17 -9.54 -34.21
C ASP D 120 19.82 -9.67 -32.84
N LEU D 121 19.38 -8.85 -31.91
CA LEU D 121 20.05 -8.75 -30.61
C LEU D 121 19.50 -9.71 -29.57
N ILE D 122 18.19 -9.94 -29.61
CA ILE D 122 17.56 -10.81 -28.61
C ILE D 122 18.23 -12.19 -28.50
N PRO D 123 18.56 -12.87 -29.64
CA PRO D 123 19.16 -14.19 -29.41
C PRO D 123 20.63 -14.15 -28.98
N GLN D 124 21.24 -12.97 -28.88
CA GLN D 124 22.61 -12.85 -28.40
C GLN D 124 22.69 -12.56 -26.92
N LEU D 125 21.55 -12.29 -26.30
CA LEU D 125 21.56 -11.88 -24.89
C LEU D 125 22.22 -12.91 -23.96
N LYS D 126 21.87 -14.20 -24.13
CA LYS D 126 22.42 -15.24 -23.27
C LYS D 126 23.95 -15.35 -23.42
N LYS D 127 24.40 -15.43 -24.65
CA LYS D 127 25.81 -15.63 -24.91
C LYS D 127 26.64 -14.40 -24.54
N LYS D 128 26.23 -13.25 -25.05
CA LYS D 128 27.07 -12.05 -24.97
C LYS D 128 26.81 -11.17 -23.76
N TYR D 129 25.65 -11.29 -23.14
CA TYR D 129 25.37 -10.35 -22.06
C TYR D 129 25.03 -11.07 -20.77
N ASP D 130 25.45 -12.33 -20.73
CA ASP D 130 25.31 -13.19 -19.56
CA ASP D 130 25.33 -13.15 -19.53
C ASP D 130 23.92 -13.11 -18.95
N VAL D 131 22.92 -13.18 -19.82
CA VAL D 131 21.54 -13.18 -19.38
C VAL D 131 21.09 -14.62 -19.17
N ASP D 132 20.38 -14.87 -18.08
CA ASP D 132 19.68 -16.14 -17.90
C ASP D 132 18.25 -15.94 -18.37
N THR D 133 17.42 -15.36 -17.49
CA THR D 133 16.07 -15.02 -17.88
C THR D 133 15.75 -13.59 -17.55
N LEU D 134 14.76 -13.02 -18.24
CA LEU D 134 14.42 -11.62 -18.00
C LEU D 134 13.35 -11.53 -16.93
N ASP D 135 13.46 -10.55 -16.04
CA ASP D 135 12.41 -10.30 -15.06
C ASP D 135 11.29 -9.43 -15.65
N MET D 136 11.65 -8.53 -16.54
CA MET D 136 10.68 -7.61 -17.11
C MET D 136 11.10 -7.16 -18.49
N VAL D 137 10.12 -7.02 -19.38
CA VAL D 137 10.37 -6.54 -20.74
C VAL D 137 9.46 -5.33 -21.00
N PHE D 138 10.06 -4.23 -21.44
CA PHE D 138 9.27 -3.08 -21.84
C PHE D 138 9.31 -2.94 -23.37
N LEU D 139 8.14 -2.98 -24.00
CA LEU D 139 8.10 -2.90 -25.46
C LEU D 139 7.58 -1.54 -25.89
N ASP D 140 8.38 -0.79 -26.63
CA ASP D 140 7.97 0.53 -27.12
C ASP D 140 8.72 0.87 -28.42
N HIS D 141 8.99 -0.16 -29.21
CA HIS D 141 9.66 0.01 -30.49
C HIS D 141 8.63 -0.11 -31.62
N TRP D 142 9.02 -0.66 -32.76
CA TRP D 142 8.09 -0.81 -33.89
C TRP D 142 6.93 -1.73 -33.50
N LYS D 143 5.70 -1.23 -33.68
CA LYS D 143 4.53 -1.92 -33.14
C LYS D 143 4.27 -3.28 -33.79
N ASP D 144 4.59 -3.43 -35.07
CA ASP D 144 4.40 -4.72 -35.73
C ASP D 144 5.46 -5.71 -35.25
N ARG D 145 6.36 -5.29 -34.38
CA ARG D 145 7.37 -6.24 -33.90
C ARG D 145 7.07 -6.77 -32.50
N TYR D 146 6.04 -6.23 -31.82
CA TYR D 146 5.75 -6.69 -30.46
C TYR D 146 5.52 -8.20 -30.39
N LEU D 147 4.65 -8.70 -31.26
CA LEU D 147 4.27 -10.11 -31.24
C LEU D 147 5.45 -11.03 -31.63
N PRO D 148 6.07 -10.80 -32.81
CA PRO D 148 7.18 -11.72 -33.16
C PRO D 148 8.37 -11.63 -32.19
N ASP D 149 8.69 -10.45 -31.67
CA ASP D 149 9.74 -10.35 -30.66
C ASP D 149 9.38 -11.05 -29.34
N THR D 150 8.11 -10.96 -28.92
CA THR D 150 7.65 -11.73 -27.77
C THR D 150 7.81 -13.24 -27.98
N LEU D 151 7.38 -13.73 -29.14
CA LEU D 151 7.57 -15.14 -29.50
C LEU D 151 9.06 -15.50 -29.59
N LEU D 152 9.88 -14.57 -30.06
CA LEU D 152 11.32 -14.81 -30.15
C LEU D 152 11.94 -14.91 -28.76
N LEU D 153 11.52 -14.01 -27.89
CA LEU D 153 11.96 -14.01 -26.49
C LEU D 153 11.63 -15.36 -25.84
N GLU D 154 10.42 -15.86 -26.08
CA GLU D 154 10.03 -17.17 -25.54
C GLU D 154 10.89 -18.31 -26.08
N LYS D 155 11.08 -18.35 -27.40
CA LYS D 155 11.79 -19.48 -27.96
C LYS D 155 13.27 -19.42 -27.60
N CYS D 156 13.77 -18.24 -27.24
CA CYS D 156 15.18 -18.11 -26.87
C CYS D 156 15.41 -18.42 -25.39
N GLY D 157 14.34 -18.74 -24.67
CA GLY D 157 14.48 -19.11 -23.27
C GLY D 157 14.64 -17.90 -22.36
N LEU D 158 14.21 -16.74 -22.81
CA LEU D 158 14.44 -15.51 -22.04
C LEU D 158 13.29 -15.16 -21.07
N LEU D 159 12.16 -15.85 -21.20
CA LEU D 159 11.02 -15.65 -20.32
C LEU D 159 10.92 -16.76 -19.26
N ARG D 160 10.52 -16.40 -18.05
CA ARG D 160 10.26 -17.40 -17.04
C ARG D 160 8.90 -17.11 -16.44
N LYS D 161 8.36 -18.06 -15.69
CA LYS D 161 7.10 -17.82 -15.00
C LYS D 161 7.18 -16.57 -14.12
N GLY D 162 6.24 -15.64 -14.31
CA GLY D 162 6.28 -14.40 -13.58
C GLY D 162 6.99 -13.24 -14.27
N THR D 163 7.67 -13.51 -15.38
CA THR D 163 8.22 -12.41 -16.19
C THR D 163 7.11 -11.46 -16.66
N VAL D 164 7.31 -10.19 -16.40
CA VAL D 164 6.34 -9.16 -16.76
C VAL D 164 6.68 -8.54 -18.12
N LEU D 165 5.75 -8.61 -19.06
CA LEU D 165 5.88 -7.78 -20.26
C LEU D 165 4.98 -6.57 -20.11
N LEU D 166 5.54 -5.40 -20.37
CA LEU D 166 4.75 -4.18 -20.36
C LEU D 166 4.87 -3.57 -21.75
N ALA D 167 3.74 -3.42 -22.44
CA ALA D 167 3.76 -2.93 -23.83
C ALA D 167 2.99 -1.64 -23.97
N ASP D 168 3.67 -0.63 -24.49
CA ASP D 168 3.05 0.69 -24.68
C ASP D 168 2.39 0.81 -26.07
N ASN D 169 1.51 1.79 -26.19
CA ASN D 169 0.88 2.12 -27.44
C ASN D 169 0.08 0.96 -28.04
N VAL D 170 -0.50 0.10 -27.21
CA VAL D 170 -1.22 -1.05 -27.78
C VAL D 170 -2.58 -0.67 -28.37
N ILE D 171 -3.02 0.56 -28.16
CA ILE D 171 -4.24 1.05 -28.79
C ILE D 171 -3.93 2.06 -29.91
N VAL D 172 -3.06 3.02 -29.62
CA VAL D 172 -2.61 4.00 -30.61
C VAL D 172 -1.09 4.04 -30.65
N PRO D 173 -0.50 3.75 -31.82
CA PRO D 173 -1.17 3.32 -33.06
C PRO D 173 -1.79 1.92 -33.01
N GLY D 174 -1.50 1.16 -31.97
CA GLY D 174 -2.16 -0.12 -31.75
C GLY D 174 -1.38 -1.35 -32.16
N THR D 175 -1.55 -2.43 -31.41
CA THR D 175 -0.93 -3.69 -31.73
C THR D 175 -1.96 -4.81 -31.70
N PRO D 176 -2.87 -4.85 -32.67
CA PRO D 176 -3.95 -5.84 -32.59
C PRO D 176 -3.45 -7.30 -32.54
N ASP D 177 -2.50 -7.72 -33.37
CA ASP D 177 -2.06 -9.13 -33.32
C ASP D 177 -1.43 -9.48 -31.96
N PHE D 178 -0.63 -8.58 -31.42
CA PHE D 178 -0.01 -8.80 -30.11
C PHE D 178 -1.07 -9.02 -29.03
N LEU D 179 -2.06 -8.13 -28.98
CA LEU D 179 -3.10 -8.21 -27.96
C LEU D 179 -3.94 -9.51 -28.08
N ALA D 180 -4.34 -9.86 -29.29
CA ALA D 180 -5.12 -11.07 -29.49
C ALA D 180 -4.31 -12.28 -29.04
N TYR D 181 -3.00 -12.27 -29.33
CA TYR D 181 -2.15 -13.38 -28.91
C TYR D 181 -2.04 -13.47 -27.39
N VAL D 182 -1.55 -12.42 -26.73
CA VAL D 182 -1.27 -12.55 -25.31
C VAL D 182 -2.56 -12.70 -24.50
N ARG D 183 -3.63 -11.99 -24.87
CA ARG D 183 -4.89 -12.14 -24.14
C ARG D 183 -5.51 -13.52 -24.38
N GLY D 184 -5.41 -13.99 -25.62
CA GLY D 184 -5.95 -15.30 -25.97
C GLY D 184 -5.17 -16.45 -25.36
N SER D 185 -3.87 -16.26 -25.16
CA SER D 185 -3.00 -17.35 -24.75
C SER D 185 -2.98 -17.60 -23.24
N SER D 186 -3.16 -18.85 -22.83
CA SER D 186 -3.01 -19.19 -21.42
C SER D 186 -1.61 -18.94 -20.88
N SER D 187 -0.65 -18.68 -21.77
CA SER D 187 0.72 -18.37 -21.35
C SER D 187 0.90 -16.95 -20.83
N PHE D 188 -0.14 -16.12 -20.93
CA PHE D 188 -0.03 -14.75 -20.47
C PHE D 188 -1.25 -14.29 -19.68
N GLU D 189 -1.00 -13.80 -18.47
CA GLU D 189 -2.04 -13.17 -17.69
CA GLU D 189 -2.02 -13.16 -17.65
C GLU D 189 -2.01 -11.67 -17.96
N CYS D 190 -3.07 -11.16 -18.57
CA CYS D 190 -3.06 -9.77 -19.07
C CYS D 190 -4.02 -8.81 -18.38
N THR D 191 -3.55 -7.58 -18.21
CA THR D 191 -4.37 -6.48 -17.76
C THR D 191 -4.07 -5.25 -18.62
N HIS D 192 -5.04 -4.37 -18.72
CA HIS D 192 -4.91 -3.21 -19.59
C HIS D 192 -4.93 -1.92 -18.77
N TYR D 193 -4.02 -1.02 -19.09
CA TYR D 193 -3.91 0.25 -18.40
C TYR D 193 -4.24 1.40 -19.33
N SER D 194 -5.47 1.92 -19.22
CA SER D 194 -5.88 3.05 -20.08
C SER D 194 -5.22 4.35 -19.63
N SER D 195 -4.78 5.14 -20.61
CA SER D 195 -4.22 6.46 -20.35
C SER D 195 -4.33 7.33 -21.61
N TYR D 196 -4.83 8.56 -21.46
CA TYR D 196 -4.89 9.50 -22.57
C TYR D 196 -3.51 9.96 -22.98
N LEU D 197 -3.25 9.94 -24.28
CA LEU D 197 -2.05 10.57 -24.82
C LEU D 197 -2.02 12.04 -24.38
N GLU D 198 -0.88 12.48 -23.87
CA GLU D 198 -0.82 13.82 -23.29
C GLU D 198 -0.72 14.91 -24.35
N TYR D 199 -0.51 14.53 -25.62
CA TYR D 199 -0.32 15.54 -26.66
C TYR D 199 -1.52 15.70 -27.57
N MET D 200 -2.48 14.79 -27.46
CA MET D 200 -3.75 14.91 -28.17
C MET D 200 -4.81 14.12 -27.41
N LYS D 201 -6.07 14.51 -27.59
CA LYS D 201 -7.17 13.97 -26.79
C LYS D 201 -7.59 12.61 -27.32
N VAL D 202 -6.69 11.64 -27.22
CA VAL D 202 -6.95 10.31 -27.74
C VAL D 202 -6.56 9.27 -26.69
N VAL D 203 -7.45 8.30 -26.47
CA VAL D 203 -7.16 7.24 -25.51
C VAL D 203 -6.14 6.25 -26.06
N ASP D 204 -5.16 5.92 -25.23
CA ASP D 204 -4.20 4.87 -25.55
C ASP D 204 -4.19 3.90 -24.37
N GLY D 205 -3.20 3.05 -24.30
CA GLY D 205 -3.09 2.19 -23.15
C GLY D 205 -1.85 1.36 -23.22
N LEU D 206 -1.48 0.82 -22.08
CA LEU D 206 -0.41 -0.17 -22.00
C LEU D 206 -1.03 -1.51 -21.66
N GLU D 207 -0.40 -2.58 -22.11
CA GLU D 207 -0.83 -3.92 -21.72
C GLU D 207 0.24 -4.51 -20.85
N LYS D 208 -0.18 -5.06 -19.71
CA LYS D 208 0.72 -5.84 -18.88
C LYS D 208 0.39 -7.31 -19.08
N ALA D 209 1.39 -8.10 -19.48
CA ALA D 209 1.18 -9.50 -19.74
C ALA D 209 2.20 -10.30 -18.95
N ILE D 210 1.73 -11.08 -17.98
CA ILE D 210 2.62 -11.85 -17.12
C ILE D 210 2.77 -13.27 -17.65
N TYR D 211 4.00 -13.64 -18.00
CA TYR D 211 4.25 -14.96 -18.55
C TYR D 211 3.93 -16.05 -17.55
N GLN D 212 3.14 -17.04 -17.97
CA GLN D 212 2.72 -18.12 -17.07
C GLN D 212 3.53 -19.39 -17.32
N GLY D 213 4.42 -19.37 -18.29
CA GLY D 213 5.10 -20.58 -18.72
C GLY D 213 4.55 -21.00 -20.08
N PRO D 214 5.30 -21.83 -20.81
CA PRO D 214 4.88 -22.14 -22.17
C PRO D 214 3.65 -23.05 -22.20
N SER D 215 2.92 -23.00 -23.32
CA SER D 215 1.75 -23.86 -23.53
C SER D 215 2.13 -25.33 -23.45
N SER D 216 1.30 -26.14 -22.81
CA SER D 216 1.64 -27.54 -22.56
C SER D 216 1.25 -28.47 -23.71
N PRO D 217 2.12 -29.45 -24.03
CA PRO D 217 1.80 -30.50 -25.01
C PRO D 217 0.51 -31.26 -24.65
N ASP D 218 -0.19 -31.75 -25.65
CA ASP D 218 -1.40 -32.57 -25.44
C ASP D 218 -1.09 -33.83 -24.65
N LYS D 219 -1.94 -34.12 -23.65
CA LYS D 219 -1.80 -35.27 -22.76
C LYS D 219 -2.41 -36.54 -23.35
N SER D 220 -2.37 -37.63 -22.59
CA SER D 220 -2.98 -38.88 -23.04
C SER D 220 -4.47 -38.96 -22.69
C1 EDO E . 3.63 -3.01 23.12
O1 EDO E . 4.77 -2.26 23.56
C2 EDO E . 2.40 -2.58 23.94
O2 EDO E . 2.46 -1.16 24.20
MG MG F . -9.88 1.00 10.28
C3' NHE G . -20.00 1.71 6.39
C2' NHE G . -19.98 0.38 5.66
C1' NHE G . -21.35 0.08 5.07
C6' NHE G . -22.41 0.03 6.15
N NHE G . -21.32 -1.18 4.38
C1 NHE G . -20.57 -1.05 3.17
C2 NHE G . -19.34 -1.92 3.29
S NHE G . -18.45 -2.09 1.76
O1 NHE G . -19.10 -3.11 0.91
O2 NHE G . -18.31 -0.77 1.04
O3 NHE G . -17.11 -2.68 2.10
C5' NHE G . -22.45 1.34 6.93
C4' NHE G . -21.09 1.77 7.44
C01 6P0 H . -16.17 1.92 11.31
C02 6P0 H . -16.88 3.18 10.89
C04 6P0 H . -17.99 8.59 13.03
C05 6P0 H . -18.15 7.36 13.71
C06 6P0 H . -18.47 7.70 15.08
C10 6P0 H . -18.76 6.79 16.26
C11 6P0 H . -18.03 5.96 13.15
C15 6P0 H . -17.24 5.56 12.02
C16 6P0 H . -16.32 3.81 9.62
C17 6P0 H . -17.16 4.10 8.55
C18 6P0 H . -16.62 4.67 7.39
C19 6P0 H . -15.24 4.94 7.31
C20 6P0 H . -14.40 4.64 8.40
C21 6P0 H . -14.95 4.07 9.55
C23 6P0 H . -15.64 5.97 5.20
C03 6P0 H . -17.59 1.85 10.80
N07 6P0 H . -18.47 9.02 15.12
N08 6P0 H . -18.19 9.56 13.95
C09 6P0 H . -18.13 10.98 13.71
N12 6P0 H . -18.66 4.88 13.61
N13 6P0 H . -18.32 3.85 12.88
C14 6P0 H . -17.49 4.16 11.91
O22 6P0 H . -14.67 5.51 6.15
K K I . 4.53 14.42 21.32
MG MG J . 18.55 -10.43 22.01
C3' NHE K . 29.39 -13.74 28.65
C2' NHE K . 29.17 -12.27 28.98
C1' NHE K . 30.18 -11.40 28.26
C6' NHE K . 31.60 -11.79 28.61
N NHE K . 29.97 -10.01 28.61
C1 NHE K . 28.71 -9.55 28.09
C2 NHE K . 27.93 -8.94 29.22
S NHE K . 26.40 -8.23 28.66
O1 NHE K . 26.54 -6.74 28.44
O2 NHE K . 25.42 -8.28 29.78
O3 NHE K . 25.88 -8.91 27.41
C5' NHE K . 31.88 -13.26 28.33
C4' NHE K . 30.83 -14.19 28.88
C01 6P0 L . 23.78 -14.06 20.55
C02 6P0 L . 25.09 -13.91 21.29
C04 6P0 L . 30.08 -10.73 21.07
C05 6P0 L . 29.37 -11.30 19.96
C06 6P0 L . 30.02 -10.76 18.79
C10 6P0 L . 29.69 -11.04 17.32
C11 6P0 L . 28.19 -12.24 20.01
C15 6P0 L . 27.21 -12.33 21.06
C16 6P0 L . 24.96 -13.56 22.77
C17 6P0 L . 25.60 -14.36 23.72
C18 6P0 L . 25.49 -14.04 25.08
C19 6P0 L . 24.73 -12.93 25.48
C20 6P0 L . 24.10 -12.13 24.52
C21 6P0 L . 24.21 -12.45 23.16
C23 6P0 L . 23.92 -11.39 27.14
C03 6P0 L . 24.65 -15.27 20.81
N07 6P0 L . 30.99 -9.98 19.23
N08 6P0 L . 31.03 -9.95 20.53
C09 6P0 L . 31.99 -9.18 21.29
N12 6P0 L . 27.90 -13.15 19.08
N13 6P0 L . 26.82 -13.80 19.43
C14 6P0 L . 26.35 -13.38 20.60
O22 6P0 L . 24.62 -12.61 26.86
K K M . 20.48 11.95 19.28
MG MG N . -14.31 4.86 -4.97
C3' NHE O . -8.94 0.20 1.26
C2' NHE O . -10.09 0.94 0.60
C1' NHE O . -9.67 2.31 0.11
C6' NHE O . -9.01 3.13 1.21
N NHE O . -10.82 3.03 -0.38
C1 NHE O . -11.26 2.50 -1.62
C2 NHE O . -12.16 3.50 -2.31
S NHE O . -11.15 4.72 -3.11
O1 NHE O . -12.03 5.62 -3.97
O2 NHE O . -10.34 5.53 -2.13
O3 NHE O . -10.09 4.07 -3.97
C5' NHE O . -7.89 2.40 1.92
C4' NHE O . -8.28 1.00 2.36
C3' NHE P . -18.30 8.83 4.85
C2' NHE P . -17.07 9.67 5.11
C1' NHE P . -17.26 10.71 6.19
C6' NHE P . -18.51 11.55 5.98
N NHE P . -16.12 11.59 6.18
C1 NHE P . -14.96 10.94 6.74
C2 NHE P . -13.88 10.83 5.68
S NHE P . -12.44 10.02 6.29
O1 NHE P . -11.54 10.97 7.01
O2 NHE P . -12.74 8.80 7.10
O3 NHE P . -11.61 9.63 5.09
C5' NHE P . -19.76 10.71 5.68
C4' NHE P . -19.53 9.69 4.59
C01 6P0 Q . -19.14 7.75 -1.48
C02 6P0 Q . -20.00 7.07 -0.42
C04 6P0 Q . -25.00 3.88 -0.17
C05 6P0 Q . -24.78 5.10 -0.89
C06 6P0 Q . -25.94 5.28 -1.72
C10 6P0 Q . -26.22 6.43 -2.68
C11 6P0 Q . -23.56 6.03 -0.81
C15 6P0 Q . -22.22 5.63 -0.55
C16 6P0 Q . -19.26 5.98 0.35
C17 6P0 Q . -19.26 5.98 1.74
C18 6P0 Q . -18.58 4.97 2.43
C19 6P0 Q . -17.92 3.96 1.72
C20 6P0 Q . -17.93 3.97 0.32
C21 6P0 Q . -18.60 4.98 -0.37
C23 6P0 Q . -17.44 2.88 3.80
C03 6P0 Q . -19.57 8.53 -0.27
N07 6P0 Q . -26.73 4.24 -1.48
N08 6P0 Q . -26.18 3.44 -0.59
C09 6P0 Q . -26.81 2.23 -0.13
N12 6P0 Q . -23.59 7.35 -1.01
N13 6P0 Q . -22.38 7.81 -0.88
C14 6P0 Q . -21.50 6.86 -0.60
O22 6P0 Q . -17.24 2.91 2.39
K K R . -20.75 -11.68 -18.85
C1 EDO S . -8.57 -2.12 -24.66
O1 EDO S . -8.04 -3.17 -25.50
C2 EDO S . -9.76 -2.67 -23.88
O2 EDO S . -9.32 -3.75 -23.05
MG MG T . 5.80 5.03 -27.97
C3' NHE U . -0.43 8.49 -34.35
C2' NHE U . 0.77 7.95 -33.61
C1' NHE U . 1.29 8.91 -32.57
C6' NHE U . 1.48 10.31 -33.13
N NHE U . 2.54 8.43 -32.00
C1 NHE U . 2.28 7.38 -31.06
C2 NHE U . 3.54 6.92 -30.35
S NHE U . 3.84 7.87 -28.88
O1 NHE U . 2.64 8.01 -27.98
O2 NHE U . 4.13 9.32 -29.21
O3 NHE U . 5.00 7.25 -28.11
C5' NHE U . 0.28 10.83 -33.89
C4' NHE U . -0.19 9.86 -34.95
C3' NHE V . 9.59 2.99 -39.59
C2' NHE V . 8.40 2.08 -39.54
C1' NHE V . 8.82 0.63 -39.56
C6' NHE V . 9.64 0.33 -40.81
N NHE V . 7.65 -0.23 -39.55
C1 NHE V . 6.99 -0.24 -38.27
C2 NHE V . 5.60 0.30 -38.46
S NHE V . 4.69 0.32 -36.93
O1 NHE V . 4.23 -1.06 -36.57
O2 NHE V . 3.43 1.07 -37.20
O3 NHE V . 5.48 0.96 -35.82
C5' NHE V . 10.80 1.29 -41.03
C4' NHE V . 10.43 2.74 -40.83
C01 6P0 W . 11.70 4.34 -30.56
C02 6P0 W . 11.96 3.69 -31.90
C04 6P0 W . 13.15 -1.66 -34.16
C05 6P0 W . 13.72 -1.06 -32.99
C06 6P0 W . 14.45 -2.10 -32.34
C10 6P0 W . 15.27 -2.04 -31.04
C11 6P0 W . 13.58 0.38 -32.51
C15 6P0 W . 12.43 1.22 -32.70
C16 6P0 W . 10.81 3.84 -32.90
C17 6P0 W . 11.05 4.32 -34.19
C18 6P0 W . 9.95 4.45 -35.06
C19 6P0 W . 8.67 4.10 -34.65
C20 6P0 W . 8.45 3.61 -33.36
C21 6P0 W . 9.53 3.49 -32.49
C23 6P0 W . 7.81 5.00 -36.67
C03 6P0 W . 12.76 4.90 -31.49
N07 6P0 W . 14.30 -3.19 -33.09
N08 6P0 W . 13.55 -2.94 -34.13
C09 6P0 W . 13.22 -3.93 -35.11
N12 6P0 W . 14.48 1.05 -31.82
N13 6P0 W . 14.00 2.23 -31.54
C14 6P0 W . 12.79 2.41 -32.05
O22 6P0 W . 7.56 4.21 -35.51
K K X . -4.04 -14.56 -21.82
#